data_8PP7
#
_entry.id   8PP7
#
_cell.length_a   1.00
_cell.length_b   1.00
_cell.length_c   1.00
_cell.angle_alpha   90.00
_cell.angle_beta   90.00
_cell.angle_gamma   90.00
#
_symmetry.space_group_name_H-M   'P 1'
#
loop_
_entity.id
_entity.type
_entity.pdbx_description
1 polymer 'Polycomb complex protein BMI-1'
2 polymer 'E3 ubiquitin-protein ligase RING2'
3 polymer 'Histone H3 (Fragment)'
4 polymer 'Histone H4'
5 polymer 'Histone H2A'
6 polymer 'Histone H2B'
7 polymer 'DNA (215-mer)'
8 polymer 'DNA (215-mer)'
9 non-polymer 'ZINC ION'
#
loop_
_entity_poly.entity_id
_entity_poly.type
_entity_poly.pdbx_seq_one_letter_code
_entity_poly.pdbx_strand_id
1 'polypeptide(L)'
;MHRTTRIKITELNPHLMCVLCGGYFIDATTIIECLHSFCKTCIVRYLETSKYCPICDVQVHKTRPLLNIRSDKTLQDIVY
KLVPGLFKNEMKRRRDFYAAHPSADAANGSNEDRGEVADEDKRIITDDEIISLSIEFFDQNRLDRKVNKDKEKSKEEVND
KRYLRCPAAMTVMHLRKFLRSKMDIPNTFQIDVMYEEEPLKDYYTLMDIAYIYTWRRNGPLPLKYRVRPTCKRMKISHQR
DGLTNAGELESDSGSDKANSPAGGIPSTSSCLPSPSTPVQSPHPQFPHISSTMNGTSNSPSGNHQSSFANRPRKSSVNGS
SATSSGGMKHHHHHH
;
K,M
2 'polypeptide(L)'
;GPDSMSQAVQTNGTQPLSKTWELSLYELQRTPQEAITDGLEIVVSPRSLHSELMCPICLDMLKNTMTTKECLHRFCADCI
ITALRSGNKECPTCRKKLVSKRSLRPDPNFDALISKIYPSRDEYEAHQERVLARINKHNNQQALSHSIEEGLKIQAMNRL
QRGKKQQIENGSGAEDNGDSSHCSNASTHSNQEAGPSNKRTKTSDDSGLELDNNNAAMAIDPVMDGASEIELVFRPHPTL
MEKDDSAQTRYIKTSGNATVDHLSKYLAVRLALEELRSKGESNQMNLDTASEKQYTIYIATASGQFTVLNGSFSLELVSE
KYWKVNKPMELYYAPTKEHK
;
L,N
3 'polypeptide(L)'
;ARTKQTARKSTGGKAPRKQLATKAARKSAPATGGVKKPHRYRPGTVALREIRRYQKSTELLIRKLPFQRLVREIAQDFKT
DLRFQSSAVMALQEASEAYLVGLFEDTNLCAIHAKRVTIMPKDIQLARRIRGERA
;
A,E
4 'polypeptide(L)'
;MITGRGKGGKGLGKGGAKRHRKVLRDNIQGITKPAIRRLARRGGVKRISGLIYEETRGVLKVFLENVIRDAVTYTEHAKR
KTVTAMDVVYALKRQGRTLYGFGG
;
B,F
5 'polypeptide(L)'
;SGRGKGGKVKGKAKSRSNRAGLQFPVGRIHRLLRKGNYAERVGAGAPVYLAAVMEYLAAEVLELAGNAARDNKKTRIIPR
HLQLAIRNDEELNKLLSGVTIAQGGVLPNIQAVLLPKKTEKKA
;
C,G
6 'polypeptide(L)'
;MPPKTSGKAAKKAGKAQKNITKTDKKKKRKRKESYAIYIYKVLKQVHPDTGISSKAMSIMNSFVNDIFERIAAEASRLAH
YNKRSTITSREIQTAVRLLLPGELAKHAVSEGTKAVTKYTSSK
;
D,H
7 'polydeoxyribonucleotide'
;(DC)(DC)(DA)(DA)(DG)(DC)(DT)(DT)(DG)(DC)(DA)(DT)(DG)(DC)(DC)(DT)(DG)(DC)(DA)(DG)
(DG)(DT)(DC)(DG)(DA)(DC)(DT)(DC)(DT)(DA)(DG)(DA)(DG)(DA)(DT)(DA)(DT)(DC)(DC)(DC)
(DG)(DA)(DG)(DT)(DC)(DG)(DC)(DT)(DG)(DT)(DT)(DC)(DA)(DA)(DT)(DA)(DA)(DA)(DT)(DA)
(DC)(DA)(DC)(DA)(DG)(DG)(DA)(DT)(DG)(DT)(DA)(DT)(DA)(DT)(DA)(DT)(DC)(DT)(DG)(DA)
(DC)(DA)(DC)(DG)(DT)(DG)(DC)(DC)(DT)(DG)(DG)(DA)(DG)(DA)(DT)(DT)(DA)(DG)(DG)(DG)
(DA)(DG)(DT)(DA)(DA)(DT)(DC)(DC)(DC)(DC)(DT)(DT)(DG)(DG)(DC)(DG)(DG)(DT)(DT)(DA)
(DA)(DA)(DA)(DC)(DG)(DC)(DG)(DG)(DG)(DG)(DG)(DA)(DC)(DA)(DG)(DC)(DG)(DC)(DG)(DT)
(DA)(DC)(DG)(DT)(DG)(DC)(DG)(DT)(DT)(DT)(DA)(DA)(DG)(DC)(DG)(DG)(DT)(DG)(DC)(DT)
(DA)(DG)(DA)(DG)(DC)(DT)(DG)(DT)(DC)(DT)(DA)(DC)(DG)(DA)(DC)(DC)(DA)(DA)(DT)(DT)
(DG)(DA)(DG)(DC)(DG)(DG)(DC)(DC)(DT)(DC)(DG)(DG)(DC)(DA)(DC)(DC)(DG)(DG)(DG)(DA)
(DT)(DT)(DC)(DT)(DC)(DC)(DA)(DG)(DG)(DT)(DC)(DC)(DG)(DC)(DC)(DG)(DC)(DG)(DT)(DA)
(DT)(DA)(DG)(DG)(DG)(DT)(DC)(DC)(DA)(DT)(DC)(DA)(DC)(DA)(DT)(DA)(DA)(DG)(DC)(DC)
(DC)(DG)(DA)(DG)(DA)(DT)(DA)(DT)
;
J
8 'polydeoxyribonucleotide'
;(DA)(DT)(DA)(DT)(DC)(DT)(DC)(DG)(DG)(DG)(DC)(DT)(DT)(DA)(DT)(DG)(DT)(DG)(DA)(DT)
(DG)(DG)(DA)(DC)(DC)(DC)(DT)(DA)(DT)(DA)(DC)(DG)(DC)(DG)(DG)(DC)(DG)(DG)(DA)(DC)
(DC)(DT)(DG)(DG)(DA)(DG)(DA)(DA)(DT)(DC)(DC)(DC)(DG)(DG)(DT)(DG)(DC)(DC)(DG)(DA)
(DG)(DG)(DC)(DC)(DG)(DC)(DT)(DC)(DA)(DA)(DT)(DT)(DG)(DG)(DT)(DC)(DG)(DT)(DA)(DG)
(DA)(DC)(DA)(DG)(DC)(DT)(DC)(DT)(DA)(DG)(DC)(DA)(DC)(DC)(DG)(DC)(DT)(DT)(DA)(DA)
(DA)(DC)(DG)(DC)(DA)(DC)(DG)(DT)(DA)(DC)(DG)(DC)(DG)(DC)(DT)(DG)(DT)(DC)(DC)(DC)
(DC)(DC)(DG)(DC)(DG)(DT)(DT)(DT)(DT)(DA)(DA)(DC)(DC)(DG)(DC)(DC)(DA)(DA)(DG)(DG)
(DG)(DG)(DA)(DT)(DT)(DA)(DC)(DT)(DC)(DC)(DC)(DT)(DA)(DG)(DT)(DC)(DT)(DC)(DC)(DA)
(DG)(DG)(DC)(DA)(DC)(DG)(DT)(DG)(DT)(DC)(DA)(DG)(DA)(DT)(DA)(DT)(DA)(DT)(DA)(DC)
(DA)(DT)(DC)(DC)(DT)(DG)(DT)(DG)(DT)(DA)(DT)(DG)(DT)(DA)(DT)(DT)(DG)(DA)(DA)(DC)
(DA)(DG)(DC)(DG)(DA)(DC)(DT)(DC)(DG)(DG)(DG)(DA)(DT)(DA)(DT)(DC)(DT)(DC)(DT)(DA)
(DG)(DA)(DG)(DT)(DC)(DG)(DA)(DC)(DC)(DT)(DG)(DC)(DA)(DG)(DG)(DC)(DA)(DT)(DG)(DC)
(DA)(DA)(DG)(DC)(DT)(DT)(DG)(DG)
;
I
#
loop_
_chem_comp.id
_chem_comp.type
_chem_comp.name
_chem_comp.formula
DA DNA linking 2'-DEOXYADENOSINE-5'-MONOPHOSPHATE 'C10 H14 N5 O6 P'
DC DNA linking 2'-DEOXYCYTIDINE-5'-MONOPHOSPHATE 'C9 H14 N3 O7 P'
DG DNA linking 2'-DEOXYGUANOSINE-5'-MONOPHOSPHATE 'C10 H14 N5 O7 P'
DT DNA linking THYMIDINE-5'-MONOPHOSPHATE 'C10 H15 N2 O8 P'
ZN non-polymer 'ZINC ION' 'Zn 2'
#
# COMPACT_ATOMS: atom_id res chain seq x y z
N ARG A 3 40.54 -38.04 -25.39
CA ARG A 3 41.44 -38.27 -26.51
C ARG A 3 41.44 -39.75 -26.91
N THR A 4 42.07 -40.57 -26.08
CA THR A 4 42.13 -42.01 -26.31
C THR A 4 41.98 -42.72 -24.98
N THR A 5 40.95 -43.55 -24.86
CA THR A 5 40.70 -44.28 -23.62
C THR A 5 39.64 -45.33 -23.86
N ARG A 6 39.79 -46.47 -23.19
CA ARG A 6 38.80 -47.54 -23.19
C ARG A 6 38.50 -47.91 -21.74
N ILE A 7 37.22 -48.03 -21.42
CA ILE A 7 36.77 -48.24 -20.04
C ILE A 7 35.88 -49.47 -19.98
N LYS A 8 35.83 -50.08 -18.80
CA LYS A 8 35.01 -51.26 -18.59
C LYS A 8 33.55 -50.88 -18.38
N ILE A 9 32.66 -51.85 -18.62
CA ILE A 9 31.24 -51.65 -18.40
C ILE A 9 30.87 -51.65 -16.93
N THR A 10 31.69 -52.27 -16.07
CA THR A 10 31.35 -52.35 -14.65
C THR A 10 31.29 -50.97 -14.01
N GLU A 11 32.25 -50.11 -14.34
CA GLU A 11 32.28 -48.77 -13.74
C GLU A 11 31.18 -47.89 -14.31
N LEU A 12 30.75 -48.14 -15.55
CA LEU A 12 29.70 -47.34 -16.17
C LEU A 12 28.30 -47.80 -15.79
N ASN A 13 28.14 -49.05 -15.37
CA ASN A 13 26.80 -49.57 -15.10
C ASN A 13 26.02 -48.74 -14.08
N PRO A 14 26.60 -48.32 -12.95
CA PRO A 14 25.77 -47.65 -11.93
C PRO A 14 25.03 -46.43 -12.44
N HIS A 15 25.62 -45.67 -13.35
CA HIS A 15 25.03 -44.43 -13.84
C HIS A 15 24.16 -44.63 -15.07
N LEU A 16 23.64 -45.84 -15.29
CA LEU A 16 22.81 -46.12 -16.45
C LEU A 16 21.58 -46.96 -16.16
N MET A 17 21.40 -47.48 -14.94
CA MET A 17 20.32 -48.38 -14.61
C MET A 17 19.27 -47.68 -13.76
N CYS A 18 18.00 -47.93 -14.08
CA CYS A 18 16.89 -47.40 -13.29
C CYS A 18 16.65 -48.29 -12.08
N VAL A 19 16.58 -47.67 -10.90
CA VAL A 19 16.42 -48.44 -9.66
C VAL A 19 15.07 -49.14 -9.63
N LEU A 20 14.03 -48.50 -10.16
CA LEU A 20 12.68 -49.06 -10.05
C LEU A 20 12.58 -50.39 -10.78
N CYS A 21 13.15 -50.49 -11.98
CA CYS A 21 13.08 -51.71 -12.78
C CYS A 21 14.37 -52.50 -12.80
N GLY A 22 15.53 -51.83 -12.67
CA GLY A 22 16.81 -52.49 -12.66
C GLY A 22 17.52 -52.53 -14.00
N GLY A 23 16.80 -52.32 -15.09
CA GLY A 23 17.40 -52.31 -16.42
C GLY A 23 17.98 -50.95 -16.78
N TYR A 24 18.55 -50.89 -17.98
CA TYR A 24 19.11 -49.65 -18.47
C TYR A 24 18.00 -48.65 -18.80
N PHE A 25 18.37 -47.37 -18.79
CA PHE A 25 17.39 -46.31 -19.02
C PHE A 25 16.79 -46.43 -20.42
N ILE A 26 15.46 -46.35 -20.49
CA ILE A 26 14.74 -46.34 -21.76
C ILE A 26 13.75 -45.19 -21.70
N ASP A 27 13.86 -44.25 -22.64
CA ASP A 27 13.05 -43.04 -22.66
C ASP A 27 13.07 -42.37 -21.29
N ALA A 28 14.27 -41.98 -20.86
CA ALA A 28 14.47 -41.46 -19.52
C ALA A 28 13.67 -40.18 -19.31
N THR A 29 13.06 -40.07 -18.12
CA THR A 29 12.33 -38.89 -17.70
C THR A 29 12.82 -38.48 -16.31
N THR A 30 12.93 -37.17 -16.10
CA THR A 30 13.52 -36.62 -14.89
C THR A 30 12.48 -35.86 -14.09
N ILE A 31 12.45 -36.12 -12.78
CA ILE A 31 11.75 -35.28 -11.82
C ILE A 31 12.61 -34.07 -11.52
N ILE A 32 12.01 -32.88 -11.64
CA ILE A 32 12.75 -31.64 -11.53
C ILE A 32 12.94 -31.21 -10.08
N GLU A 33 12.04 -31.64 -9.18
CA GLU A 33 12.16 -31.25 -7.78
C GLU A 33 13.49 -31.69 -7.20
N CYS A 34 14.06 -32.78 -7.71
CA CYS A 34 15.37 -33.23 -7.27
C CYS A 34 16.28 -33.63 -8.43
N LEU A 35 15.84 -33.44 -9.67
CA LEU A 35 16.63 -33.82 -10.85
C LEU A 35 17.01 -35.30 -10.80
N HIS A 36 15.99 -36.14 -10.63
CA HIS A 36 16.19 -37.58 -10.52
C HIS A 36 15.61 -38.27 -11.75
N SER A 37 16.41 -39.10 -12.40
CA SER A 37 16.03 -39.73 -13.65
C SER A 37 15.53 -41.15 -13.43
N PHE A 38 14.43 -41.49 -14.09
CA PHE A 38 13.88 -42.85 -14.08
C PHE A 38 13.34 -43.14 -15.46
N CYS A 39 12.67 -44.28 -15.61
CA CYS A 39 12.04 -44.62 -16.87
C CYS A 39 10.65 -43.96 -16.96
N LYS A 40 10.19 -43.80 -18.20
CA LYS A 40 8.87 -43.20 -18.41
C LYS A 40 7.78 -44.08 -17.78
N THR A 41 7.77 -45.37 -18.12
CA THR A 41 6.75 -46.25 -17.59
C THR A 41 6.90 -46.42 -16.07
N CYS A 42 8.15 -46.58 -15.60
CA CYS A 42 8.37 -46.77 -14.17
C CYS A 42 7.78 -45.61 -13.38
N ILE A 43 8.14 -44.38 -13.75
CA ILE A 43 7.68 -43.22 -12.98
C ILE A 43 6.19 -43.01 -13.18
N VAL A 44 5.68 -43.27 -14.39
CA VAL A 44 4.26 -43.08 -14.64
C VAL A 44 3.44 -44.00 -13.75
N ARG A 45 3.86 -45.26 -13.62
CA ARG A 45 3.14 -46.19 -12.75
C ARG A 45 3.37 -45.85 -11.28
N TYR A 46 4.55 -45.38 -10.92
CA TYR A 46 4.86 -45.14 -9.51
C TYR A 46 4.09 -43.94 -8.97
N LEU A 47 4.00 -42.86 -9.76
CA LEU A 47 3.39 -41.63 -9.25
C LEU A 47 1.91 -41.79 -8.94
N GLU A 48 1.25 -42.81 -9.48
CA GLU A 48 -0.17 -42.99 -9.22
C GLU A 48 -0.42 -43.28 -7.74
N THR A 49 0.29 -44.26 -7.19
CA THR A 49 0.08 -44.64 -5.79
C THR A 49 0.67 -43.62 -4.83
N SER A 50 1.88 -43.13 -5.11
CA SER A 50 2.61 -42.27 -4.20
C SER A 50 2.83 -40.90 -4.83
N LYS A 51 3.10 -39.92 -3.97
CA LYS A 51 3.36 -38.55 -4.39
C LYS A 51 4.73 -38.07 -3.91
N TYR A 52 5.65 -39.02 -3.67
CA TYR A 52 7.00 -38.71 -3.21
C TYR A 52 8.01 -39.41 -4.09
N CYS A 53 9.21 -38.87 -4.12
CA CYS A 53 10.27 -39.46 -4.95
C CYS A 53 10.63 -40.84 -4.42
N PRO A 54 10.89 -41.81 -5.31
CA PRO A 54 11.26 -43.15 -4.84
C PRO A 54 12.50 -43.18 -3.97
N ILE A 55 13.44 -42.24 -4.17
CA ILE A 55 14.73 -42.31 -3.50
C ILE A 55 14.76 -41.40 -2.29
N CYS A 56 14.62 -40.09 -2.51
CA CYS A 56 14.72 -39.11 -1.44
C CYS A 56 13.37 -38.74 -0.82
N ASP A 57 12.27 -39.28 -1.34
CA ASP A 57 10.95 -39.02 -0.80
C ASP A 57 10.66 -37.52 -0.74
N VAL A 58 11.03 -36.80 -1.79
CA VAL A 58 10.75 -35.36 -1.91
C VAL A 58 9.48 -35.19 -2.71
N GLN A 59 8.57 -34.35 -2.22
CA GLN A 59 7.26 -34.19 -2.83
C GLN A 59 7.40 -33.61 -4.23
N VAL A 60 6.89 -34.36 -5.23
CA VAL A 60 6.99 -33.92 -6.62
C VAL A 60 6.12 -32.68 -6.85
N HIS A 61 4.87 -32.74 -6.39
CA HIS A 61 3.97 -31.59 -6.47
C HIS A 61 2.96 -31.69 -5.34
N LYS A 62 2.31 -30.56 -5.06
CA LYS A 62 1.43 -30.50 -3.90
C LYS A 62 0.17 -31.34 -4.11
N THR A 63 -0.36 -31.36 -5.33
CA THR A 63 -1.58 -32.12 -5.61
C THR A 63 -1.43 -33.00 -6.85
N ARG A 64 -0.60 -32.59 -7.80
CA ARG A 64 -0.51 -33.26 -9.10
C ARG A 64 0.95 -33.40 -9.52
N PRO A 65 1.56 -34.58 -9.30
CA PRO A 65 3.01 -34.70 -9.58
C PRO A 65 3.35 -34.71 -11.06
N LEU A 66 2.43 -35.16 -11.92
CA LEU A 66 2.76 -35.28 -13.34
C LEU A 66 3.15 -33.94 -13.95
N LEU A 67 2.76 -32.82 -13.34
CA LEU A 67 3.10 -31.52 -13.88
C LEU A 67 4.55 -31.14 -13.66
N ASN A 68 5.31 -31.92 -12.90
CA ASN A 68 6.67 -31.56 -12.53
C ASN A 68 7.67 -32.64 -12.94
N ILE A 69 7.47 -33.23 -14.12
CA ILE A 69 8.41 -34.20 -14.68
C ILE A 69 8.57 -33.91 -16.17
N ARG A 70 9.79 -34.06 -16.67
CA ARG A 70 10.08 -33.72 -18.07
C ARG A 70 11.05 -34.70 -18.68
N SER A 71 10.96 -34.87 -19.99
CA SER A 71 11.80 -35.83 -20.70
C SER A 71 13.25 -35.38 -20.71
N ASP A 72 14.16 -36.35 -20.79
CA ASP A 72 15.60 -36.12 -20.81
C ASP A 72 16.16 -36.74 -22.09
N LYS A 73 16.28 -35.94 -23.15
CA LYS A 73 16.75 -36.45 -24.43
C LYS A 73 18.25 -36.71 -24.41
N THR A 74 19.02 -35.82 -23.80
CA THR A 74 20.48 -35.95 -23.82
C THR A 74 20.94 -37.24 -23.14
N LEU A 75 20.36 -37.54 -21.98
CA LEU A 75 20.73 -38.77 -21.29
C LEU A 75 20.37 -40.00 -22.12
N GLN A 76 19.21 -39.97 -22.76
CA GLN A 76 18.80 -41.09 -23.60
C GLN A 76 19.78 -41.29 -24.75
N ASP A 77 20.19 -40.19 -25.40
CA ASP A 77 21.15 -40.31 -26.49
C ASP A 77 22.49 -40.83 -25.98
N ILE A 78 22.93 -40.38 -24.80
CA ILE A 78 24.20 -40.83 -24.25
C ILE A 78 24.15 -42.33 -24.00
N VAL A 79 23.08 -42.81 -23.37
CA VAL A 79 22.99 -44.24 -23.07
C VAL A 79 22.86 -45.05 -24.36
N TYR A 80 22.15 -44.51 -25.36
CA TYR A 80 22.06 -45.22 -26.65
C TYR A 80 23.43 -45.37 -27.27
N LYS A 81 24.24 -44.30 -27.26
CA LYS A 81 25.56 -44.36 -27.86
C LYS A 81 26.50 -45.25 -27.05
N LEU A 82 26.31 -45.32 -25.74
CA LEU A 82 27.24 -46.08 -24.89
C LEU A 82 26.93 -47.57 -24.93
N VAL A 83 25.71 -47.94 -24.57
CA VAL A 83 25.36 -49.36 -24.47
C VAL A 83 25.42 -49.98 -25.86
N PRO A 84 26.14 -51.10 -26.06
CA PRO A 84 26.20 -51.70 -27.40
C PRO A 84 24.94 -52.49 -27.72
N GLY A 85 24.41 -52.27 -28.92
CA GLY A 85 23.24 -53.02 -29.37
C GLY A 85 22.01 -52.81 -28.51
N LEU A 86 21.74 -51.57 -28.12
CA LEU A 86 20.57 -51.24 -27.32
C LEU A 86 19.45 -50.65 -28.16
N PHE A 87 19.75 -49.65 -28.99
CA PHE A 87 18.73 -49.05 -29.83
C PHE A 87 18.16 -50.07 -30.81
N LYS A 88 19.02 -50.90 -31.40
CA LYS A 88 18.54 -51.90 -32.34
C LYS A 88 17.58 -52.87 -31.65
N ASN A 89 17.93 -53.33 -30.45
CA ASN A 89 17.05 -54.25 -29.73
C ASN A 89 15.71 -53.59 -29.40
N GLU A 90 15.74 -52.32 -28.98
CA GLU A 90 14.50 -51.62 -28.67
C GLU A 90 13.61 -51.51 -29.90
N MET A 91 14.20 -51.15 -31.05
CA MET A 91 13.41 -51.03 -32.27
C MET A 91 12.85 -52.38 -32.68
N LYS A 92 13.65 -53.45 -32.56
CA LYS A 92 13.17 -54.79 -32.90
C LYS A 92 12.01 -55.20 -32.01
N ARG A 93 12.12 -54.94 -30.70
CA ARG A 93 11.02 -55.29 -29.80
C ARG A 93 9.77 -54.51 -30.14
N ARG A 94 9.91 -53.21 -30.42
CA ARG A 94 8.75 -52.40 -30.76
C ARG A 94 8.07 -52.91 -32.03
N ARG A 95 8.87 -53.21 -33.06
CA ARG A 95 8.31 -53.72 -34.29
C ARG A 95 7.65 -55.07 -34.08
N ASP A 96 8.26 -55.93 -33.27
CA ASP A 96 7.68 -57.24 -33.00
C ASP A 96 6.34 -57.10 -32.30
N PHE A 97 6.25 -56.20 -31.32
CA PHE A 97 5.01 -56.03 -30.58
C PHE A 97 3.91 -55.50 -31.49
N TYR A 98 4.22 -54.50 -32.31
CA TYR A 98 3.21 -53.87 -33.15
C TYR A 98 3.01 -54.54 -34.50
N ALA A 99 3.74 -55.62 -34.80
CA ALA A 99 3.55 -56.32 -36.07
C ALA A 99 2.27 -57.13 -36.12
N ALA A 100 1.72 -57.50 -34.96
CA ALA A 100 0.54 -58.37 -34.89
C ALA A 100 -0.71 -57.65 -34.42
N HIS A 101 -0.70 -56.32 -34.44
CA HIS A 101 -1.84 -55.51 -34.01
C HIS A 101 -2.31 -54.65 -35.17
N PRO A 102 -3.34 -55.06 -35.93
CA PRO A 102 -3.82 -54.26 -37.06
C PRO A 102 -4.84 -53.21 -36.64
N SER A 103 -4.41 -52.27 -35.81
CA SER A 103 -5.27 -51.21 -35.33
C SER A 103 -4.41 -50.07 -34.81
N ALA A 104 -4.91 -48.84 -34.97
CA ALA A 104 -4.21 -47.65 -34.52
C ALA A 104 -2.80 -47.58 -35.12
N ASP A 105 -2.76 -47.51 -36.45
CA ASP A 105 -1.47 -47.48 -37.13
C ASP A 105 -0.67 -46.25 -36.74
N ALA A 106 -1.33 -45.09 -36.65
CA ALA A 106 -0.68 -43.84 -36.26
C ALA A 106 -0.87 -43.63 -34.77
N ALA A 107 0.24 -43.52 -34.04
CA ALA A 107 0.20 -43.31 -32.60
C ALA A 107 0.78 -41.95 -32.23
N LYS B 19 -3.28 -36.80 -22.15
CA LYS B 19 -2.67 -35.98 -21.10
C LYS B 19 -1.15 -35.88 -21.31
N THR B 20 -0.70 -36.22 -22.51
CA THR B 20 0.71 -36.19 -22.89
C THR B 20 1.57 -37.11 -22.05
N TRP B 21 0.96 -38.04 -21.32
CA TRP B 21 1.73 -38.99 -20.51
C TRP B 21 1.16 -40.40 -20.54
N GLU B 22 0.10 -40.65 -21.31
CA GLU B 22 -0.45 -42.00 -21.39
C GLU B 22 0.58 -42.95 -21.99
N LEU B 23 0.77 -44.09 -21.33
CA LEU B 23 1.73 -45.07 -21.80
C LEU B 23 1.23 -45.74 -23.07
N SER B 24 2.14 -45.96 -24.02
CA SER B 24 1.79 -46.63 -25.26
C SER B 24 1.56 -48.11 -25.00
N LEU B 25 1.03 -48.80 -26.01
CA LEU B 25 0.70 -50.21 -25.85
C LEU B 25 1.95 -51.03 -25.53
N TYR B 26 3.04 -50.77 -26.25
CA TYR B 26 4.28 -51.49 -25.96
C TYR B 26 4.81 -51.14 -24.58
N GLU B 27 4.74 -49.86 -24.20
CA GLU B 27 5.24 -49.44 -22.90
C GLU B 27 4.47 -50.12 -21.76
N LEU B 28 3.21 -50.48 -22.00
CA LEU B 28 2.44 -51.18 -20.99
C LEU B 28 2.91 -52.61 -20.75
N GLN B 29 3.79 -53.14 -21.62
CA GLN B 29 4.29 -54.50 -21.46
C GLN B 29 5.79 -54.61 -21.72
N ARG B 30 6.53 -53.51 -21.74
CA ARG B 30 7.95 -53.57 -21.99
C ARG B 30 8.66 -54.29 -20.85
N THR B 31 9.72 -55.05 -21.20
CA THR B 31 10.48 -55.81 -20.22
C THR B 31 11.79 -55.11 -19.89
N PRO B 32 12.32 -55.26 -18.67
CA PRO B 32 13.60 -54.64 -18.35
C PRO B 32 14.74 -55.23 -19.18
N GLN B 33 15.73 -54.40 -19.45
CA GLN B 33 16.92 -54.82 -20.19
C GLN B 33 17.96 -55.34 -19.21
N GLU B 34 18.33 -56.61 -19.36
CA GLU B 34 19.28 -57.22 -18.46
C GLU B 34 20.64 -56.52 -18.56
N ALA B 35 21.23 -56.24 -17.40
CA ALA B 35 22.54 -55.61 -17.36
C ALA B 35 23.61 -56.56 -17.89
N ILE B 36 24.60 -56.01 -18.57
CA ILE B 36 25.69 -56.81 -19.13
C ILE B 36 26.64 -57.16 -18.00
N THR B 37 26.86 -58.47 -17.80
CA THR B 37 27.72 -58.95 -16.73
C THR B 37 29.05 -59.50 -17.22
N ASP B 38 29.12 -59.99 -18.45
CA ASP B 38 30.38 -60.49 -18.98
C ASP B 38 31.36 -59.34 -19.19
N GLY B 39 32.64 -59.65 -19.00
CA GLY B 39 33.68 -58.64 -19.07
C GLY B 39 34.13 -58.32 -20.47
N LEU B 40 33.31 -57.58 -21.21
CA LEU B 40 33.64 -57.14 -22.56
C LEU B 40 34.09 -55.69 -22.52
N GLU B 41 35.18 -55.39 -23.22
CA GLU B 41 35.70 -54.03 -23.24
C GLU B 41 34.81 -53.13 -24.10
N ILE B 42 34.75 -51.85 -23.72
CA ILE B 42 33.99 -50.84 -24.44
C ILE B 42 34.97 -49.86 -25.06
N VAL B 43 34.79 -49.58 -26.35
CA VAL B 43 35.61 -48.61 -27.07
C VAL B 43 34.78 -47.35 -27.27
N VAL B 44 35.32 -46.22 -26.85
CA VAL B 44 34.64 -44.93 -26.95
C VAL B 44 35.62 -43.90 -27.52
N SER B 45 35.14 -43.12 -28.49
CA SER B 45 35.95 -42.07 -29.09
C SER B 45 35.54 -40.71 -28.57
N PRO B 46 36.48 -39.76 -28.49
CA PRO B 46 36.12 -38.42 -27.99
C PRO B 46 35.06 -37.72 -28.83
N ARG B 47 35.06 -37.96 -30.14
CA ARG B 47 34.10 -37.27 -31.01
C ARG B 47 32.68 -37.78 -30.79
N SER B 48 32.52 -39.03 -30.38
CA SER B 48 31.17 -39.58 -30.19
C SER B 48 30.40 -38.82 -29.11
N LEU B 49 31.06 -38.50 -28.00
CA LEU B 49 30.46 -37.77 -26.91
C LEU B 49 30.73 -36.27 -26.98
N HIS B 50 31.37 -35.81 -28.07
CA HIS B 50 31.78 -34.41 -28.15
C HIS B 50 30.57 -33.48 -28.11
N SER B 51 29.50 -33.81 -28.85
CA SER B 51 28.38 -32.89 -28.98
C SER B 51 27.57 -32.80 -27.70
N GLU B 52 27.30 -33.93 -27.06
CA GLU B 52 26.40 -33.96 -25.91
C GLU B 52 27.07 -33.57 -24.60
N LEU B 53 28.39 -33.46 -24.56
CA LEU B 53 29.13 -33.19 -23.32
C LEU B 53 29.92 -31.89 -23.44
N MET B 54 29.36 -30.89 -24.12
CA MET B 54 30.04 -29.65 -24.40
C MET B 54 29.17 -28.47 -23.96
N CYS B 55 29.75 -27.55 -23.21
CA CYS B 55 29.04 -26.35 -22.80
C CYS B 55 28.92 -25.40 -23.99
N PRO B 56 27.72 -24.98 -24.38
CA PRO B 56 27.61 -24.08 -25.54
C PRO B 56 28.29 -22.74 -25.35
N ILE B 57 28.54 -22.31 -24.12
CA ILE B 57 29.02 -20.95 -23.87
C ILE B 57 30.54 -20.91 -23.89
N CYS B 58 31.19 -21.62 -22.97
CA CYS B 58 32.63 -21.54 -22.82
C CYS B 58 33.38 -22.44 -23.79
N LEU B 59 32.69 -23.34 -24.49
CA LEU B 59 33.32 -24.23 -25.47
C LEU B 59 34.44 -25.04 -24.84
N ASP B 60 34.12 -25.68 -23.72
CA ASP B 60 35.06 -26.54 -23.02
C ASP B 60 34.29 -27.66 -22.33
N MET B 61 35.01 -28.52 -21.62
CA MET B 61 34.38 -29.60 -20.88
C MET B 61 33.59 -29.04 -19.70
N LEU B 62 32.43 -29.66 -19.44
CA LEU B 62 31.55 -29.18 -18.38
C LEU B 62 32.18 -29.39 -17.01
N LYS B 63 32.04 -28.39 -16.14
CA LYS B 63 32.49 -28.48 -14.76
C LYS B 63 31.49 -27.76 -13.87
N ASN B 64 31.18 -28.37 -12.73
CA ASN B 64 30.16 -27.85 -11.82
C ASN B 64 28.84 -27.62 -12.56
N THR B 65 28.30 -28.72 -13.09
CA THR B 65 27.16 -28.65 -13.97
C THR B 65 25.94 -28.07 -13.26
N MET B 66 25.22 -27.20 -13.97
CA MET B 66 23.96 -26.63 -13.52
C MET B 66 22.92 -26.90 -14.58
N THR B 67 21.72 -27.30 -14.16
CA THR B 67 20.64 -27.67 -15.06
C THR B 67 19.42 -26.81 -14.77
N THR B 68 18.76 -26.37 -15.83
CA THR B 68 17.57 -25.53 -15.73
C THR B 68 16.37 -26.36 -15.31
N LYS B 69 15.40 -25.68 -14.70
CA LYS B 69 14.17 -26.30 -14.22
C LYS B 69 13.08 -26.37 -15.27
N GLU B 70 13.31 -25.82 -16.45
CA GLU B 70 12.29 -25.75 -17.49
C GLU B 70 12.65 -26.51 -18.76
N CYS B 71 13.90 -26.39 -19.22
CA CYS B 71 14.32 -26.99 -20.48
C CYS B 71 15.36 -28.08 -20.31
N LEU B 72 15.95 -28.23 -19.13
CA LEU B 72 16.97 -29.25 -18.88
C LEU B 72 18.15 -29.09 -19.83
N HIS B 73 18.75 -27.90 -19.80
CA HIS B 73 19.93 -27.59 -20.59
C HIS B 73 21.10 -27.37 -19.64
N ARG B 74 22.18 -28.11 -19.85
CA ARG B 74 23.31 -28.08 -18.94
C ARG B 74 24.22 -26.91 -19.24
N PHE B 75 24.80 -26.33 -18.19
CA PHE B 75 25.76 -25.24 -18.33
C PHE B 75 26.75 -25.32 -17.19
N CYS B 76 27.80 -24.51 -17.29
CA CYS B 76 28.68 -24.27 -16.17
C CYS B 76 28.10 -23.17 -15.29
N ALA B 77 28.35 -23.28 -13.99
CA ALA B 77 27.77 -22.32 -13.05
C ALA B 77 28.18 -20.89 -13.41
N ASP B 78 29.48 -20.67 -13.60
CA ASP B 78 29.96 -19.33 -13.93
C ASP B 78 29.40 -18.87 -15.27
N CYS B 79 29.34 -19.76 -16.26
CA CYS B 79 28.83 -19.38 -17.57
C CYS B 79 27.41 -18.81 -17.46
N ILE B 80 26.51 -19.55 -16.82
CA ILE B 80 25.12 -19.12 -16.73
C ILE B 80 25.00 -17.90 -15.83
N ILE B 81 25.79 -17.83 -14.76
CA ILE B 81 25.70 -16.68 -13.85
C ILE B 81 26.08 -15.40 -14.60
N THR B 82 27.19 -15.45 -15.35
CA THR B 82 27.59 -14.29 -16.15
C THR B 82 26.57 -13.98 -17.23
N ALA B 83 26.02 -15.00 -17.88
CA ALA B 83 25.06 -14.76 -18.94
C ALA B 83 23.82 -14.03 -18.41
N LEU B 84 23.30 -14.50 -17.28
CA LEU B 84 22.12 -13.87 -16.71
C LEU B 84 22.44 -12.48 -16.16
N ARG B 85 23.64 -12.28 -15.63
CA ARG B 85 24.00 -11.00 -15.04
C ARG B 85 23.91 -9.88 -16.07
N SER B 86 24.77 -9.93 -17.10
CA SER B 86 24.85 -8.89 -18.11
C SER B 86 24.24 -9.45 -19.41
N GLY B 87 22.93 -9.30 -19.54
CA GLY B 87 22.24 -9.76 -20.73
C GLY B 87 20.79 -10.07 -20.40
N ASN B 88 20.08 -10.53 -21.42
CA ASN B 88 18.67 -10.86 -21.27
C ASN B 88 18.50 -12.03 -20.30
N LYS B 89 17.42 -11.99 -19.52
CA LYS B 89 17.11 -13.05 -18.56
C LYS B 89 16.40 -14.19 -19.30
N GLU B 90 17.18 -14.88 -20.14
CA GLU B 90 16.64 -15.94 -20.98
C GLU B 90 17.71 -17.03 -21.14
N CYS B 91 17.24 -18.21 -21.54
CA CYS B 91 18.15 -19.32 -21.75
C CYS B 91 18.97 -19.10 -23.02
N PRO B 92 20.29 -19.27 -22.98
CA PRO B 92 21.08 -19.06 -24.21
C PRO B 92 20.68 -19.96 -25.36
N THR B 93 20.18 -21.16 -25.08
CA THR B 93 19.92 -22.14 -26.13
C THR B 93 18.54 -21.96 -26.76
N CYS B 94 17.47 -22.04 -25.95
CA CYS B 94 16.11 -22.00 -26.45
C CYS B 94 15.42 -20.67 -26.16
N ARG B 95 16.13 -19.70 -25.60
CA ARG B 95 15.60 -18.36 -25.32
C ARG B 95 14.48 -18.38 -24.28
N LYS B 96 14.32 -19.46 -23.53
CA LYS B 96 13.30 -19.51 -22.50
C LYS B 96 13.69 -18.64 -21.32
N LYS B 97 12.70 -17.97 -20.73
CA LYS B 97 12.95 -17.02 -19.65
C LYS B 97 13.26 -17.75 -18.35
N LEU B 98 14.19 -17.19 -17.58
CA LEU B 98 14.50 -17.68 -16.25
C LEU B 98 14.94 -16.49 -15.40
N VAL B 99 14.39 -16.40 -14.18
CA VAL B 99 14.60 -15.20 -13.37
C VAL B 99 16.06 -15.07 -12.95
N SER B 100 16.61 -16.11 -12.31
CA SER B 100 17.95 -16.01 -11.75
C SER B 100 18.51 -17.42 -11.57
N LYS B 101 19.62 -17.51 -10.85
CA LYS B 101 20.28 -18.79 -10.62
C LYS B 101 19.46 -19.75 -9.77
N ARG B 102 18.49 -19.24 -9.01
CA ARG B 102 17.62 -20.13 -8.23
C ARG B 102 16.76 -21.02 -9.11
N SER B 103 16.64 -20.71 -10.40
CA SER B 103 15.90 -21.54 -11.34
C SER B 103 16.72 -22.72 -11.85
N LEU B 104 17.99 -22.82 -11.48
CA LEU B 104 18.85 -23.93 -11.85
C LEU B 104 19.25 -24.71 -10.60
N ARG B 105 19.66 -25.96 -10.80
CA ARG B 105 20.14 -26.80 -9.72
C ARG B 105 21.31 -27.65 -10.17
N PRO B 106 22.15 -28.09 -9.23
CA PRO B 106 23.29 -28.92 -9.61
C PRO B 106 22.85 -30.29 -10.11
N ASP B 107 23.70 -30.89 -10.95
CA ASP B 107 23.45 -32.20 -11.53
C ASP B 107 24.69 -33.06 -11.31
N PRO B 108 24.86 -33.60 -10.10
CA PRO B 108 26.10 -34.36 -9.80
C PRO B 108 26.26 -35.61 -10.62
N ASN B 109 25.18 -36.17 -11.18
CA ASN B 109 25.30 -37.37 -11.99
C ASN B 109 26.18 -37.14 -13.21
N PHE B 110 25.96 -36.02 -13.90
CA PHE B 110 26.80 -35.71 -15.06
C PHE B 110 28.24 -35.45 -14.64
N ASP B 111 28.44 -34.83 -13.46
CA ASP B 111 29.80 -34.62 -12.98
C ASP B 111 30.51 -35.95 -12.75
N ALA B 112 29.82 -36.91 -12.13
CA ALA B 112 30.43 -38.23 -11.92
C ALA B 112 30.70 -38.92 -13.24
N LEU B 113 29.77 -38.81 -14.20
CA LEU B 113 29.98 -39.42 -15.50
C LEU B 113 31.20 -38.83 -16.20
N ILE B 114 31.37 -37.50 -16.11
CA ILE B 114 32.53 -36.85 -16.70
C ILE B 114 33.81 -37.35 -16.02
N SER B 115 33.78 -37.39 -14.69
CA SER B 115 34.97 -37.85 -13.95
C SER B 115 35.33 -39.28 -14.31
N LYS B 116 34.33 -40.11 -14.63
CA LYS B 116 34.59 -41.50 -14.95
C LYS B 116 35.10 -41.67 -16.38
N ILE B 117 34.32 -41.19 -17.36
CA ILE B 117 34.68 -41.42 -18.76
C ILE B 117 35.98 -40.70 -19.11
N TYR B 118 36.08 -39.42 -18.74
CA TYR B 118 37.23 -38.59 -19.07
C TYR B 118 37.75 -37.94 -17.80
N PRO B 119 38.52 -38.67 -16.97
CA PRO B 119 39.07 -38.09 -15.75
C PRO B 119 40.14 -37.03 -16.04
N ARG C 3 -44.40 45.60 10.21
CA ARG C 3 -44.31 45.56 11.66
C ARG C 3 -43.57 46.78 12.19
N THR C 4 -43.74 47.05 13.48
CA THR C 4 -43.07 48.17 14.13
C THR C 4 -42.72 47.76 15.56
N THR C 5 -41.56 48.21 16.03
CA THR C 5 -41.10 47.86 17.38
C THR C 5 -40.35 49.04 17.96
N ARG C 6 -40.30 49.07 19.30
CA ARG C 6 -39.55 50.08 20.05
C ARG C 6 -38.59 49.33 20.95
N ILE C 7 -37.39 49.06 20.44
CA ILE C 7 -36.41 48.24 21.13
C ILE C 7 -35.49 49.14 21.95
N LYS C 8 -35.25 48.75 23.20
CA LYS C 8 -34.38 49.50 24.09
C LYS C 8 -32.93 49.05 23.89
N ILE C 9 -32.04 50.01 23.67
CA ILE C 9 -30.64 49.67 23.45
C ILE C 9 -30.03 49.03 24.69
N THR C 10 -30.53 49.38 25.87
CA THR C 10 -29.96 48.82 27.10
C THR C 10 -30.03 47.30 27.11
N GLU C 11 -31.04 46.73 26.45
CA GLU C 11 -31.14 45.28 26.36
C GLU C 11 -30.15 44.69 25.39
N LEU C 12 -29.79 45.42 24.33
CA LEU C 12 -28.88 44.93 23.30
C LEU C 12 -27.42 45.28 23.57
N ASN C 13 -27.12 45.96 24.67
CA ASN C 13 -25.74 46.36 24.93
C ASN C 13 -24.79 45.16 25.00
N PRO C 14 -25.06 44.11 25.77
CA PRO C 14 -24.06 43.03 25.89
C PRO C 14 -23.73 42.36 24.57
N HIS C 15 -24.69 42.25 23.65
CA HIS C 15 -24.43 41.61 22.37
C HIS C 15 -23.54 42.48 21.47
N LEU C 16 -23.50 43.78 21.72
CA LEU C 16 -22.78 44.70 20.85
C LEU C 16 -21.71 45.46 21.63
N MET C 17 -20.94 44.75 22.47
CA MET C 17 -19.94 45.38 23.31
C MET C 17 -18.66 44.56 23.26
N CYS C 18 -17.52 45.23 23.00
CA CYS C 18 -16.24 44.56 22.95
C CYS C 18 -15.67 44.44 24.36
N VAL C 19 -15.23 43.23 24.73
CA VAL C 19 -14.83 42.94 26.09
C VAL C 19 -13.34 43.19 26.27
N LEU C 20 -12.71 43.85 25.29
CA LEU C 20 -11.29 44.18 25.36
C LEU C 20 -11.03 45.66 25.50
N CYS C 21 -11.82 46.52 24.85
CA CYS C 21 -11.67 47.96 24.97
C CYS C 21 -12.84 48.62 25.69
N GLY C 22 -13.80 47.84 26.20
CA GLY C 22 -14.93 48.41 26.90
C GLY C 22 -15.77 49.35 26.05
N GLY C 23 -16.04 48.96 24.82
CA GLY C 23 -16.82 49.80 23.93
C GLY C 23 -17.42 48.99 22.81
N TYR C 24 -18.05 49.70 21.88
CA TYR C 24 -18.69 49.06 20.74
C TYR C 24 -17.64 48.63 19.71
N PHE C 25 -18.03 47.68 18.87
CA PHE C 25 -17.12 47.14 17.87
C PHE C 25 -16.78 48.18 16.82
N ILE C 26 -15.50 48.28 16.47
CA ILE C 26 -15.03 49.11 15.37
C ILE C 26 -14.12 48.25 14.50
N ASP C 27 -14.47 48.11 13.22
CA ASP C 27 -13.75 47.24 12.31
C ASP C 27 -13.67 45.83 12.88
N ALA C 28 -14.85 45.22 13.05
CA ALA C 28 -14.94 43.95 13.75
C ALA C 28 -14.12 42.87 13.07
N THR C 29 -13.44 42.06 13.88
CA THR C 29 -12.67 40.91 13.41
C THR C 29 -13.00 39.72 14.28
N THR C 30 -13.24 38.57 13.65
CA THR C 30 -13.66 37.36 14.35
C THR C 30 -12.59 36.29 14.24
N ILE C 31 -12.51 35.47 15.29
CA ILE C 31 -11.61 34.32 15.32
C ILE C 31 -12.34 33.11 14.75
N ILE C 32 -11.69 32.44 13.79
CA ILE C 32 -12.36 31.37 13.05
C ILE C 32 -12.78 30.25 14.00
N GLU C 33 -11.87 29.84 14.89
CA GLU C 33 -12.11 28.63 15.68
C GLU C 33 -13.31 28.78 16.60
N CYS C 34 -13.43 29.92 17.29
CA CYS C 34 -14.46 30.11 18.29
C CYS C 34 -15.53 31.13 17.90
N LEU C 35 -15.33 31.88 16.81
CA LEU C 35 -16.29 32.89 16.38
C LEU C 35 -16.57 33.89 17.50
N HIS C 36 -15.50 34.45 18.05
CA HIS C 36 -15.58 35.50 19.06
C HIS C 36 -15.06 36.80 18.45
N SER C 37 -15.91 37.82 18.43
CA SER C 37 -15.61 39.06 17.72
C SER C 37 -14.90 40.04 18.64
N PHE C 38 -13.98 40.81 18.07
CA PHE C 38 -13.27 41.88 18.77
C PHE C 38 -13.01 43.00 17.78
N CYS C 39 -12.28 44.02 18.23
CA CYS C 39 -11.86 45.10 17.34
C CYS C 39 -10.53 44.74 16.69
N LYS C 40 -10.28 45.33 15.52
CA LYS C 40 -9.03 45.06 14.82
C LYS C 40 -7.84 45.40 15.71
N THR C 41 -7.84 46.60 16.30
CA THR C 41 -6.74 47.00 17.16
C THR C 41 -6.64 46.10 18.39
N CYS C 42 -7.77 45.81 19.02
CA CYS C 42 -7.75 44.97 20.22
C CYS C 42 -7.08 43.64 19.93
N ILE C 43 -7.55 42.94 18.91
CA ILE C 43 -7.03 41.61 18.62
C ILE C 43 -5.59 41.69 18.15
N VAL C 44 -5.26 42.69 17.33
CA VAL C 44 -3.91 42.78 16.78
C VAL C 44 -2.90 42.99 17.89
N ARG C 45 -3.19 43.92 18.81
CA ARG C 45 -2.23 44.20 19.88
C ARG C 45 -2.25 43.11 20.96
N TYR C 46 -3.39 42.44 21.15
CA TYR C 46 -3.46 41.42 22.19
C TYR C 46 -2.77 40.14 21.76
N LEU C 47 -2.90 39.75 20.50
CA LEU C 47 -2.35 38.48 20.04
C LEU C 47 -0.83 38.49 19.92
N GLU C 48 -0.18 39.65 20.00
CA GLU C 48 1.27 39.70 19.91
C GLU C 48 1.96 39.06 21.11
N THR C 49 1.23 38.78 22.19
CA THR C 49 1.79 38.14 23.38
C THR C 49 1.24 36.75 23.60
N SER C 50 -0.07 36.59 23.67
CA SER C 50 -0.70 35.32 23.92
C SER C 50 -1.18 34.70 22.60
N LYS C 51 -1.69 33.47 22.68
CA LYS C 51 -2.20 32.77 21.51
C LYS C 51 -3.53 32.08 21.78
N TYR C 52 -4.26 32.50 22.81
CA TYR C 52 -5.54 31.91 23.18
C TYR C 52 -6.61 32.99 23.20
N CYS C 53 -7.82 32.61 22.80
CA CYS C 53 -8.92 33.57 22.83
C CYS C 53 -9.18 33.99 24.28
N PRO C 54 -9.44 35.28 24.54
CA PRO C 54 -9.55 35.73 25.92
C PRO C 54 -10.92 35.46 26.54
N ILE C 55 -11.71 34.60 25.91
CA ILE C 55 -13.05 34.28 26.41
C ILE C 55 -13.14 32.79 26.69
N CYS C 56 -12.98 31.97 25.65
CA CYS C 56 -13.17 30.53 25.78
C CYS C 56 -11.87 29.77 26.04
N ASP C 57 -10.72 30.44 25.97
CA ASP C 57 -9.44 29.80 26.21
C ASP C 57 -9.22 28.61 25.26
N VAL C 58 -9.18 28.92 23.97
CA VAL C 58 -8.99 27.93 22.92
C VAL C 58 -7.87 28.40 22.00
N GLN C 59 -6.97 27.49 21.66
CA GLN C 59 -5.84 27.83 20.81
C GLN C 59 -6.32 28.24 19.42
N VAL C 60 -5.69 29.29 18.88
CA VAL C 60 -6.04 29.79 17.56
C VAL C 60 -5.17 29.18 16.48
N HIS C 61 -3.85 29.18 16.69
CA HIS C 61 -2.93 28.57 15.75
C HIS C 61 -1.71 28.10 16.53
N LYS C 62 -1.00 27.12 15.95
CA LYS C 62 0.15 26.55 16.63
C LYS C 62 1.26 27.58 16.84
N THR C 63 1.55 28.38 15.82
CA THR C 63 2.67 29.32 15.90
C THR C 63 2.30 30.72 15.44
N ARG C 64 1.35 30.84 14.51
CA ARG C 64 0.98 32.12 13.91
C ARG C 64 -0.54 32.28 13.97
N PRO C 65 -1.08 32.77 15.09
CA PRO C 65 -2.53 32.93 15.19
C PRO C 65 -3.11 33.92 14.20
N LEU C 66 -2.31 34.86 13.69
CA LEU C 66 -2.86 35.91 12.84
C LEU C 66 -3.53 35.36 11.60
N LEU C 67 -3.20 34.14 11.19
CA LEU C 67 -3.78 33.56 9.99
C LEU C 67 -5.21 33.08 10.18
N ASN C 68 -5.71 33.04 11.42
CA ASN C 68 -7.01 32.45 11.72
C ASN C 68 -8.01 33.49 12.22
N ILE C 69 -7.86 34.74 11.80
CA ILE C 69 -8.78 35.82 12.13
C ILE C 69 -9.20 36.51 10.84
N ARG C 70 -10.50 36.82 10.73
CA ARG C 70 -11.03 37.39 9.50
C ARG C 70 -11.95 38.55 9.83
N SER C 71 -11.97 39.54 8.93
CA SER C 71 -12.81 40.72 9.11
C SER C 71 -14.26 40.38 8.79
N ASP C 72 -15.16 40.71 9.71
CA ASP C 72 -16.59 40.43 9.55
C ASP C 72 -17.28 41.73 9.12
N LYS C 73 -17.43 41.89 7.80
CA LYS C 73 -18.08 43.09 7.29
C LYS C 73 -19.55 43.16 7.70
N THR C 74 -20.24 42.02 7.70
CA THR C 74 -21.66 42.03 8.01
C THR C 74 -21.92 42.51 9.43
N LEU C 75 -21.14 42.03 10.39
CA LEU C 75 -21.34 42.45 11.78
C LEU C 75 -21.09 43.95 11.95
N GLN C 76 -20.02 44.45 11.32
CA GLN C 76 -19.73 45.88 11.42
C GLN C 76 -20.83 46.71 10.79
N ASP C 77 -21.36 46.26 9.65
CA ASP C 77 -22.48 46.96 9.02
C ASP C 77 -23.70 46.95 9.94
N ILE C 78 -23.97 45.82 10.59
CA ILE C 78 -25.12 45.73 11.48
C ILE C 78 -24.97 46.72 12.64
N VAL C 79 -23.78 46.77 13.24
CA VAL C 79 -23.59 47.67 14.38
C VAL C 79 -23.64 49.13 13.92
N TYR C 80 -23.12 49.44 12.73
CA TYR C 80 -23.24 50.80 12.23
C TYR C 80 -24.69 51.19 12.01
N LYS C 81 -25.48 50.29 11.42
CA LYS C 81 -26.87 50.62 11.09
C LYS C 81 -27.73 50.73 12.34
N LEU C 82 -27.60 49.76 13.25
CA LEU C 82 -28.47 49.75 14.43
C LEU C 82 -28.21 50.93 15.34
N VAL C 83 -26.94 51.28 15.54
CA VAL C 83 -26.58 52.35 16.47
C VAL C 83 -26.68 53.69 15.74
N PRO C 84 -27.57 54.59 16.17
CA PRO C 84 -27.65 55.90 15.51
C PRO C 84 -26.50 56.81 15.90
N GLY C 85 -26.07 57.65 14.96
CA GLY C 85 -25.07 58.65 15.25
C GLY C 85 -23.74 58.08 15.70
N LEU C 86 -23.28 57.01 15.07
CA LEU C 86 -21.98 56.41 15.38
C LEU C 86 -21.04 56.42 14.20
N PHE C 87 -21.52 56.03 13.02
CA PHE C 87 -20.67 56.02 11.83
C PHE C 87 -20.21 57.43 11.48
N LYS C 88 -21.16 58.38 11.48
CA LYS C 88 -20.81 59.77 11.17
C LYS C 88 -19.78 60.30 12.14
N ASN C 89 -19.97 60.04 13.44
CA ASN C 89 -19.01 60.50 14.44
C ASN C 89 -17.64 59.89 14.20
N GLU C 90 -17.60 58.60 13.83
CA GLU C 90 -16.32 57.95 13.57
C GLU C 90 -15.59 58.63 12.42
N MET C 91 -16.29 58.88 11.30
CA MET C 91 -15.64 59.54 10.18
C MET C 91 -15.21 60.96 10.55
N LYS C 92 -16.03 61.68 11.31
CA LYS C 92 -15.65 63.03 11.73
C LYS C 92 -14.37 63.00 12.55
N ARG C 93 -14.28 62.07 13.51
CA ARG C 93 -13.08 61.97 14.32
C ARG C 93 -11.86 61.61 13.47
N ARG C 94 -12.03 60.67 12.53
CA ARG C 94 -10.91 60.29 11.68
C ARG C 94 -10.42 61.46 10.86
N ARG C 95 -11.33 62.21 10.22
CA ARG C 95 -10.92 63.35 9.42
C ARG C 95 -10.30 64.44 10.28
N ASP C 96 -10.83 64.65 11.49
CA ASP C 96 -10.24 65.65 12.37
C ASP C 96 -8.83 65.27 12.78
N PHE C 97 -8.59 63.98 13.05
CA PHE C 97 -7.24 63.53 13.36
C PHE C 97 -6.31 63.72 12.16
N TYR C 98 -6.79 63.38 10.96
CA TYR C 98 -5.97 63.58 9.77
C TYR C 98 -5.62 65.06 9.59
N ALA C 99 -6.56 65.96 9.92
CA ALA C 99 -6.30 67.38 9.74
C ALA C 99 -5.15 67.85 10.62
N ALA C 100 -5.08 67.35 11.85
CA ALA C 100 -4.11 67.86 12.83
C ALA C 100 -2.68 67.46 12.53
N HIS C 101 -2.45 66.54 11.59
CA HIS C 101 -1.10 66.08 11.29
C HIS C 101 -0.83 66.15 9.80
N PRO C 102 0.45 66.27 9.39
CA PRO C 102 0.79 66.32 7.97
C PRO C 102 0.69 64.96 7.29
N THR D 20 -2.18 42.99 4.22
CA THR D 20 -1.78 42.41 5.50
C THR D 20 -2.65 42.97 6.63
N TRP D 21 -2.19 42.82 7.86
CA TRP D 21 -2.90 43.30 9.04
C TRP D 21 -2.11 44.36 9.80
N GLU D 22 -1.08 44.92 9.17
CA GLU D 22 -0.26 45.93 9.84
C GLU D 22 -1.08 47.19 10.09
N LEU D 23 -1.03 47.69 11.31
CA LEU D 23 -1.80 48.88 11.67
C LEU D 23 -1.19 50.12 11.04
N SER D 24 -2.05 51.09 10.73
CA SER D 24 -1.61 52.35 10.18
C SER D 24 -1.25 53.33 11.30
N LEU D 25 -0.85 54.54 10.93
CA LEU D 25 -0.47 55.53 11.93
C LEU D 25 -1.63 55.88 12.85
N TYR D 26 -2.82 56.09 12.27
CA TYR D 26 -3.97 56.50 13.08
C TYR D 26 -4.53 55.35 13.90
N GLU D 27 -4.46 54.12 13.36
CA GLU D 27 -5.03 52.98 14.06
C GLU D 27 -4.35 52.71 15.38
N LEU D 28 -3.09 53.13 15.54
CA LEU D 28 -2.35 52.88 16.77
C LEU D 28 -2.84 53.74 17.93
N GLN D 29 -3.69 54.73 17.68
CA GLN D 29 -4.14 55.63 18.75
C GLN D 29 -5.63 55.94 18.64
N ARG D 30 -6.43 55.01 18.13
CA ARG D 30 -7.88 55.21 18.13
C ARG D 30 -8.40 55.26 19.55
N THR D 31 -9.26 56.24 19.82
CA THR D 31 -9.86 56.38 21.13
C THR D 31 -11.05 55.42 21.28
N PRO D 32 -11.33 54.94 22.49
CA PRO D 32 -12.50 54.08 22.68
C PRO D 32 -13.80 54.85 22.48
N GLN D 33 -14.84 54.12 22.08
CA GLN D 33 -16.18 54.68 21.91
C GLN D 33 -16.99 54.38 23.16
N GLU D 34 -17.38 55.44 23.88
CA GLU D 34 -18.13 55.27 25.11
C GLU D 34 -19.51 54.69 24.83
N ALA D 35 -19.98 53.85 25.74
CA ALA D 35 -21.28 53.22 25.63
C ALA D 35 -22.35 54.12 26.24
N ILE D 36 -23.58 53.96 25.74
CA ILE D 36 -24.71 54.75 26.23
C ILE D 36 -25.24 54.12 27.51
N THR D 37 -24.71 54.55 28.64
CA THR D 37 -25.15 54.00 29.92
C THR D 37 -26.60 54.40 30.23
N ASP D 38 -26.97 55.63 29.89
CA ASP D 38 -28.31 56.11 30.18
C ASP D 38 -29.35 55.33 29.37
N GLY D 39 -30.47 55.03 30.00
CA GLY D 39 -31.54 54.32 29.35
C GLY D 39 -32.21 55.13 28.26
N LEU D 40 -32.08 54.68 27.01
CA LEU D 40 -32.65 55.38 25.87
C LEU D 40 -33.37 54.38 24.96
N GLU D 41 -34.44 54.85 24.34
CA GLU D 41 -35.24 54.03 23.44
C GLU D 41 -34.94 54.40 22.00
N ILE D 42 -34.83 53.38 21.14
CA ILE D 42 -34.55 53.57 19.73
C ILE D 42 -35.61 52.84 18.92
N VAL D 43 -36.21 53.54 17.96
CA VAL D 43 -37.23 52.98 17.10
C VAL D 43 -36.56 52.34 15.89
N VAL D 44 -36.96 51.11 15.58
CA VAL D 44 -36.42 50.36 14.46
C VAL D 44 -37.58 49.78 13.66
N SER D 45 -37.29 49.41 12.42
CA SER D 45 -38.27 48.83 11.52
C SER D 45 -37.74 47.53 10.93
N PRO D 46 -38.62 46.58 10.63
CA PRO D 46 -38.15 45.30 10.06
C PRO D 46 -37.41 45.45 8.75
N ARG D 47 -37.82 46.41 7.91
CA ARG D 47 -37.16 46.60 6.62
C ARG D 47 -35.74 47.14 6.76
N SER D 48 -35.41 47.73 7.91
CA SER D 48 -34.07 48.27 8.10
C SER D 48 -33.02 47.17 8.04
N LEU D 49 -33.29 46.03 8.68
CA LEU D 49 -32.35 44.91 8.76
C LEU D 49 -32.79 43.74 7.89
N HIS D 50 -33.54 44.03 6.81
CA HIS D 50 -34.07 43.00 5.93
C HIS D 50 -33.07 42.58 4.86
N SER D 51 -31.79 42.83 5.06
CA SER D 51 -30.76 42.48 4.08
C SER D 51 -29.65 41.63 4.67
N GLU D 52 -29.26 41.87 5.92
CA GLU D 52 -28.16 41.16 6.55
C GLU D 52 -28.62 40.15 7.58
N LEU D 53 -29.93 39.86 7.65
CA LEU D 53 -30.47 38.83 8.53
C LEU D 53 -31.29 37.81 7.75
N MET D 54 -31.08 37.72 6.45
CA MET D 54 -31.94 36.96 5.54
C MET D 54 -31.12 35.85 4.88
N CYS D 55 -31.65 34.63 4.90
CA CYS D 55 -30.93 33.50 4.33
C CYS D 55 -30.94 33.60 2.80
N PRO D 56 -29.78 33.48 2.14
CA PRO D 56 -29.78 33.56 0.67
C PRO D 56 -30.52 32.43 -0.01
N ILE D 57 -30.79 31.32 0.68
CA ILE D 57 -31.38 30.14 0.05
C ILE D 57 -32.89 30.13 0.24
N CYS D 58 -33.34 30.02 1.48
CA CYS D 58 -34.77 29.93 1.76
C CYS D 58 -35.44 31.28 1.88
N LEU D 59 -34.67 32.38 1.87
CA LEU D 59 -35.24 33.72 1.88
C LEU D 59 -36.17 33.92 3.08
N ASP D 60 -35.69 33.53 4.25
CA ASP D 60 -36.48 33.61 5.47
C ASP D 60 -35.57 33.90 6.65
N MET D 61 -36.17 33.98 7.84
CA MET D 61 -35.43 34.24 9.06
C MET D 61 -34.51 33.07 9.39
N LEU D 62 -33.37 33.40 10.00
CA LEU D 62 -32.36 32.41 10.34
C LEU D 62 -32.75 31.66 11.61
N LYS D 63 -32.51 30.35 11.61
CA LYS D 63 -32.70 29.52 12.79
C LYS D 63 -31.58 28.49 12.83
N ASN D 64 -30.92 28.38 13.98
CA ASN D 64 -29.75 27.52 14.14
C ASN D 64 -28.68 27.90 13.10
N THR D 65 -28.22 29.14 13.20
CA THR D 65 -27.33 29.70 12.20
C THR D 65 -26.01 28.93 12.15
N MET D 66 -25.48 28.76 10.94
CA MET D 66 -24.20 28.13 10.71
C MET D 66 -23.37 29.00 9.78
N THR D 67 -22.10 29.18 10.10
CA THR D 67 -21.23 30.11 9.38
C THR D 67 -20.01 29.39 8.83
N THR D 68 -19.65 29.72 7.58
CA THR D 68 -18.44 29.19 6.96
C THR D 68 -17.19 29.78 7.58
N LYS D 69 -16.16 28.95 7.72
CA LYS D 69 -14.90 29.41 8.29
C LYS D 69 -14.18 30.39 7.36
N GLU D 70 -14.06 30.02 6.07
CA GLU D 70 -13.16 30.75 5.19
C GLU D 70 -13.71 32.13 4.86
N CYS D 71 -15.00 32.23 4.55
CA CYS D 71 -15.58 33.43 3.99
C CYS D 71 -16.51 34.16 4.94
N LEU D 72 -16.90 33.54 6.06
CA LEU D 72 -17.83 34.13 7.01
C LEU D 72 -19.17 34.45 6.33
N HIS D 73 -19.84 33.40 5.89
CA HIS D 73 -21.17 33.50 5.31
C HIS D 73 -22.15 32.71 6.18
N ARG D 74 -23.26 33.35 6.55
CA ARG D 74 -24.26 32.74 7.43
C ARG D 74 -25.31 32.01 6.60
N PHE D 75 -25.78 30.88 7.13
CA PHE D 75 -26.82 30.09 6.50
C PHE D 75 -27.66 29.44 7.60
N CYS D 76 -28.79 28.88 7.19
CA CYS D 76 -29.52 27.96 8.06
C CYS D 76 -28.85 26.59 8.00
N ALA D 77 -28.93 25.86 9.11
CA ALA D 77 -28.26 24.56 9.19
C ALA D 77 -28.76 23.63 8.09
N ASP D 78 -30.08 23.45 8.00
CA ASP D 78 -30.64 22.55 7.01
C ASP D 78 -30.32 23.02 5.60
N CYS D 79 -30.40 24.34 5.35
CA CYS D 79 -30.16 24.84 4.02
C CYS D 79 -28.77 24.44 3.53
N ILE D 80 -27.74 24.74 4.31
CA ILE D 80 -26.37 24.45 3.88
C ILE D 80 -26.13 22.95 3.86
N ILE D 81 -26.70 22.22 4.81
CA ILE D 81 -26.49 20.77 4.85
C ILE D 81 -27.03 20.13 3.58
N THR D 82 -28.24 20.51 3.18
CA THR D 82 -28.82 19.97 1.96
C THR D 82 -28.08 20.46 0.72
N ALA D 83 -27.67 21.73 0.71
CA ALA D 83 -26.95 22.25 -0.44
C ALA D 83 -25.65 21.51 -0.66
N LEU D 84 -24.93 21.21 0.42
CA LEU D 84 -23.68 20.45 0.30
C LEU D 84 -23.96 19.01 -0.11
N ARG D 85 -24.98 18.39 0.50
CA ARG D 85 -25.27 16.99 0.19
C ARG D 85 -25.75 16.83 -1.25
N SER D 86 -26.64 17.70 -1.71
CA SER D 86 -27.34 17.51 -2.99
C SER D 86 -26.87 18.50 -4.05
N GLY D 87 -25.59 18.82 -4.06
CA GLY D 87 -25.07 19.74 -5.06
C GLY D 87 -23.57 19.86 -4.98
N ASN D 88 -23.06 20.91 -5.62
CA ASN D 88 -21.63 21.17 -5.61
C ASN D 88 -21.16 21.50 -4.21
N LYS D 89 -19.88 21.24 -3.95
CA LYS D 89 -19.29 21.40 -2.63
C LYS D 89 -18.67 22.78 -2.44
N GLU D 90 -19.19 23.79 -3.11
CA GLU D 90 -18.71 25.16 -2.98
C GLU D 90 -19.70 25.99 -2.18
N CYS D 91 -19.22 27.15 -1.74
CA CYS D 91 -20.10 28.08 -1.04
C CYS D 91 -21.08 28.71 -2.03
N PRO D 92 -22.36 28.83 -1.67
CA PRO D 92 -23.33 29.36 -2.64
C PRO D 92 -23.01 30.77 -3.12
N THR D 93 -22.44 31.62 -2.27
CA THR D 93 -22.24 33.02 -2.62
C THR D 93 -20.88 33.26 -3.26
N CYS D 94 -19.80 32.96 -2.55
CA CYS D 94 -18.45 33.24 -3.03
C CYS D 94 -17.87 32.12 -3.88
N ARG D 95 -18.48 30.94 -3.89
CA ARG D 95 -18.01 29.80 -4.67
C ARG D 95 -16.57 29.45 -4.29
N LYS D 96 -16.40 29.05 -3.03
CA LYS D 96 -15.10 28.68 -2.48
C LYS D 96 -15.17 27.25 -1.94
N LYS D 97 -13.99 26.65 -1.79
CA LYS D 97 -13.91 25.24 -1.43
C LYS D 97 -14.60 24.98 -0.10
N LEU D 98 -15.37 23.89 -0.05
CA LEU D 98 -16.11 23.51 1.15
C LEU D 98 -16.25 22.00 1.16
N VAL D 99 -15.81 21.37 2.24
CA VAL D 99 -15.72 19.91 2.27
C VAL D 99 -16.94 19.27 2.90
N SER D 100 -17.32 19.68 4.11
CA SER D 100 -18.41 19.03 4.82
C SER D 100 -18.92 19.97 5.91
N LYS D 101 -19.94 19.51 6.63
CA LYS D 101 -20.51 20.30 7.71
C LYS D 101 -19.51 20.55 8.83
N ARG D 102 -18.40 19.80 8.87
CA ARG D 102 -17.32 20.11 9.78
C ARG D 102 -16.62 21.42 9.42
N SER D 103 -16.75 21.86 8.18
CA SER D 103 -16.09 23.09 7.72
C SER D 103 -16.83 24.35 8.13
N LEU D 104 -18.00 24.22 8.75
CA LEU D 104 -18.76 25.33 9.29
C LEU D 104 -18.71 25.30 10.81
N ARG D 105 -19.32 26.33 11.43
CA ARG D 105 -19.48 26.37 12.87
C ARG D 105 -20.76 27.08 13.25
N PRO D 106 -21.45 26.64 14.30
CA PRO D 106 -22.65 27.36 14.76
C PRO D 106 -22.30 28.74 15.31
N ASP D 107 -23.28 29.64 15.22
CA ASP D 107 -23.17 31.02 15.68
C ASP D 107 -24.27 31.29 16.69
N PRO D 108 -24.02 31.11 17.99
CA PRO D 108 -25.09 31.31 18.98
C PRO D 108 -25.40 32.77 19.24
N ASN D 109 -24.38 33.63 19.19
CA ASN D 109 -24.58 35.05 19.47
C ASN D 109 -25.53 35.67 18.46
N PHE D 110 -25.36 35.35 17.18
CA PHE D 110 -26.25 35.88 16.16
C PHE D 110 -27.69 35.45 16.40
N ASP D 111 -27.88 34.17 16.75
CA ASP D 111 -29.23 33.67 17.00
C ASP D 111 -29.86 34.37 18.20
N ALA D 112 -29.09 34.56 19.27
CA ALA D 112 -29.63 35.23 20.45
C ALA D 112 -29.99 36.68 20.13
N LEU D 113 -29.13 37.38 19.38
CA LEU D 113 -29.44 38.75 19.00
C LEU D 113 -30.71 38.81 18.17
N ILE D 114 -30.86 37.90 17.21
CA ILE D 114 -32.06 37.89 16.38
C ILE D 114 -33.29 37.61 17.24
N SER D 115 -33.17 36.67 18.18
CA SER D 115 -34.32 36.33 19.02
C SER D 115 -34.76 37.51 19.86
N LYS D 116 -33.80 38.22 20.48
CA LYS D 116 -34.17 39.34 21.32
C LYS D 116 -34.70 40.51 20.50
N ILE D 117 -34.08 40.79 19.34
CA ILE D 117 -34.52 41.91 18.52
C ILE D 117 -35.92 41.66 17.98
N TYR D 118 -36.14 40.48 17.41
CA TYR D 118 -37.44 40.12 16.84
C TYR D 118 -38.08 39.02 17.68
N PRO D 119 -39.18 39.31 18.40
CA PRO D 119 -39.84 38.25 19.18
C PRO D 119 -40.30 37.07 18.31
N LYS E 37 -39.43 3.51 -42.18
CA LYS E 37 -38.42 2.53 -41.82
C LYS E 37 -38.50 2.22 -40.32
N PRO E 38 -38.08 1.02 -39.92
CA PRO E 38 -38.03 0.70 -38.48
C PRO E 38 -37.11 1.65 -37.74
N HIS E 39 -37.49 1.97 -36.51
CA HIS E 39 -36.69 2.87 -35.69
C HIS E 39 -35.36 2.22 -35.31
N ARG E 40 -34.27 2.98 -35.49
CA ARG E 40 -32.95 2.54 -35.07
C ARG E 40 -32.25 3.69 -34.38
N TYR E 41 -31.68 3.43 -33.20
CA TYR E 41 -30.94 4.43 -32.45
C TYR E 41 -29.55 4.62 -33.02
N ARG E 42 -29.06 5.85 -32.96
CA ARG E 42 -27.71 6.14 -33.42
C ARG E 42 -26.69 5.56 -32.46
N PRO E 43 -25.52 5.17 -32.95
CA PRO E 43 -24.51 4.58 -32.06
C PRO E 43 -24.14 5.52 -30.91
N GLY E 44 -23.95 4.94 -29.73
CA GLY E 44 -23.61 5.68 -28.55
C GLY E 44 -24.77 5.99 -27.63
N THR E 45 -26.01 5.82 -28.10
CA THR E 45 -27.17 6.14 -27.27
C THR E 45 -27.45 5.03 -26.25
N VAL E 46 -27.59 3.80 -26.73
CA VAL E 46 -27.88 2.69 -25.82
C VAL E 46 -26.70 2.46 -24.88
N ALA E 47 -25.49 2.79 -25.31
CA ALA E 47 -24.34 2.68 -24.41
C ALA E 47 -24.46 3.64 -23.24
N LEU E 48 -24.85 4.88 -23.51
CA LEU E 48 -25.05 5.84 -22.42
C LEU E 48 -26.20 5.41 -21.51
N ARG E 49 -27.27 4.88 -22.11
CA ARG E 49 -28.37 4.34 -21.32
C ARG E 49 -27.88 3.25 -20.37
N GLU E 50 -27.02 2.34 -20.87
CA GLU E 50 -26.52 1.25 -20.04
C GLU E 50 -25.58 1.74 -18.96
N ILE E 51 -24.76 2.75 -19.25
CA ILE E 51 -23.94 3.34 -18.21
C ILE E 51 -24.82 3.93 -17.11
N ARG E 52 -25.88 4.64 -17.49
CA ARG E 52 -26.79 5.18 -16.49
C ARG E 52 -27.41 4.09 -15.66
N ARG E 53 -27.81 2.98 -16.30
CA ARG E 53 -28.46 1.91 -15.56
C ARG E 53 -27.52 1.22 -14.59
N TYR E 54 -26.33 0.81 -15.04
CA TYR E 54 -25.46 0.01 -14.19
C TYR E 54 -24.67 0.82 -13.17
N GLN E 55 -24.65 2.14 -13.29
CA GLN E 55 -23.99 2.98 -12.29
C GLN E 55 -24.92 3.35 -11.14
N LYS E 56 -26.20 2.96 -11.23
CA LYS E 56 -27.17 3.19 -10.18
C LYS E 56 -27.59 1.91 -9.47
N SER E 57 -27.39 0.74 -10.09
CA SER E 57 -27.74 -0.53 -9.49
C SER E 57 -26.60 -0.98 -8.56
N THR E 58 -26.82 -2.14 -7.92
CA THR E 58 -25.88 -2.64 -6.93
C THR E 58 -25.71 -4.16 -6.94
N GLU E 59 -26.35 -4.87 -7.86
CA GLU E 59 -26.35 -6.33 -7.88
C GLU E 59 -25.14 -6.88 -8.60
N LEU E 60 -24.88 -8.17 -8.39
CA LEU E 60 -23.72 -8.82 -8.99
C LEU E 60 -23.91 -8.97 -10.50
N LEU E 61 -22.82 -8.81 -11.24
CA LEU E 61 -22.87 -8.77 -12.69
C LEU E 61 -22.21 -9.96 -13.36
N ILE E 62 -21.66 -10.90 -12.61
CA ILE E 62 -21.17 -12.17 -13.12
C ILE E 62 -22.08 -13.26 -12.61
N ARG E 63 -22.47 -14.18 -13.50
CA ARG E 63 -23.27 -15.32 -13.09
C ARG E 63 -22.58 -16.08 -11.96
N LYS E 64 -23.37 -16.84 -11.20
CA LYS E 64 -22.91 -17.41 -9.93
C LYS E 64 -22.22 -18.77 -10.10
N LEU E 65 -22.89 -19.72 -10.75
CA LEU E 65 -22.31 -21.05 -10.93
C LEU E 65 -21.02 -21.06 -11.75
N PRO E 66 -20.93 -20.35 -12.88
CA PRO E 66 -19.65 -20.31 -13.60
C PRO E 66 -18.49 -19.79 -12.74
N PHE E 67 -18.72 -18.75 -11.95
CA PHE E 67 -17.69 -18.26 -11.05
C PHE E 67 -17.33 -19.31 -10.02
N GLN E 68 -18.33 -20.04 -9.51
CA GLN E 68 -18.07 -21.10 -8.54
C GLN E 68 -17.17 -22.18 -9.14
N ARG E 69 -17.47 -22.61 -10.36
CA ARG E 69 -16.65 -23.63 -11.02
C ARG E 69 -15.23 -23.13 -11.23
N LEU E 70 -15.08 -21.87 -11.65
CA LEU E 70 -13.74 -21.32 -11.83
C LEU E 70 -12.96 -21.34 -10.52
N VAL E 71 -13.63 -21.01 -9.41
CA VAL E 71 -12.94 -20.98 -8.12
C VAL E 71 -12.47 -22.37 -7.74
N ARG E 72 -13.35 -23.37 -7.87
CA ARG E 72 -12.97 -24.74 -7.53
C ARG E 72 -11.83 -25.22 -8.41
N GLU E 73 -11.90 -24.93 -9.71
CA GLU E 73 -10.85 -25.36 -10.63
C GLU E 73 -9.52 -24.76 -10.26
N ILE E 74 -9.48 -23.46 -9.94
CA ILE E 74 -8.20 -22.84 -9.61
C ILE E 74 -7.68 -23.40 -8.29
N ALA E 75 -8.57 -23.67 -7.33
CA ALA E 75 -8.11 -24.16 -6.04
C ALA E 75 -7.64 -25.60 -6.09
N GLN E 76 -8.06 -26.37 -7.09
CA GLN E 76 -7.66 -27.77 -7.15
C GLN E 76 -6.16 -27.96 -7.37
N ASP E 77 -5.38 -26.89 -7.48
CA ASP E 77 -3.93 -26.98 -7.63
C ASP E 77 -3.18 -26.75 -6.32
N PHE E 78 -3.90 -26.71 -5.20
CA PHE E 78 -3.28 -26.43 -3.91
C PHE E 78 -3.66 -27.49 -2.88
N LYS E 79 -4.86 -28.06 -3.01
CA LYS E 79 -5.30 -29.08 -2.09
C LYS E 79 -6.43 -29.86 -2.75
N THR E 80 -6.47 -31.15 -2.48
CA THR E 80 -7.41 -32.05 -3.14
C THR E 80 -8.62 -32.30 -2.26
N ASP E 81 -9.80 -32.33 -2.88
CA ASP E 81 -11.05 -32.60 -2.20
C ASP E 81 -11.34 -31.53 -1.14
N LEU E 82 -11.36 -30.28 -1.60
CA LEU E 82 -11.64 -29.15 -0.73
C LEU E 82 -13.13 -28.84 -0.72
N ARG E 83 -13.58 -28.26 0.38
CA ARG E 83 -14.95 -27.81 0.54
C ARG E 83 -14.97 -26.31 0.82
N PHE E 84 -16.02 -25.65 0.36
CA PHE E 84 -16.11 -24.20 0.44
C PHE E 84 -17.41 -23.82 1.12
N GLN E 85 -17.32 -22.91 2.08
CA GLN E 85 -18.52 -22.25 2.59
C GLN E 85 -19.11 -21.36 1.51
N SER E 86 -20.43 -21.29 1.47
CA SER E 86 -21.10 -20.48 0.46
C SER E 86 -20.72 -19.00 0.59
N SER E 87 -20.63 -18.53 1.83
CA SER E 87 -20.24 -17.14 2.05
C SER E 87 -18.82 -16.86 1.57
N ALA E 88 -17.98 -17.89 1.52
CA ALA E 88 -16.62 -17.69 1.00
C ALA E 88 -16.62 -17.43 -0.51
N VAL E 89 -17.40 -18.21 -1.26
CA VAL E 89 -17.54 -17.95 -2.69
C VAL E 89 -18.14 -16.56 -2.90
N MET E 90 -19.12 -16.19 -2.07
CA MET E 90 -19.75 -14.88 -2.22
C MET E 90 -18.75 -13.75 -2.00
N ALA E 91 -17.93 -13.86 -0.95
CA ALA E 91 -16.94 -12.84 -0.68
C ALA E 91 -15.94 -12.74 -1.82
N LEU E 92 -15.48 -13.88 -2.34
CA LEU E 92 -14.54 -13.85 -3.46
C LEU E 92 -15.14 -13.12 -4.65
N GLN E 93 -16.38 -13.44 -5.00
CA GLN E 93 -16.99 -12.80 -6.17
C GLN E 93 -17.10 -11.30 -5.98
N GLU E 94 -17.55 -10.87 -4.80
CA GLU E 94 -17.69 -9.43 -4.57
C GLU E 94 -16.36 -8.71 -4.75
N ALA E 95 -15.30 -9.27 -4.17
CA ALA E 95 -13.99 -8.63 -4.29
C ALA E 95 -13.53 -8.57 -5.74
N SER E 96 -13.73 -9.65 -6.50
CA SER E 96 -13.29 -9.67 -7.89
C SER E 96 -14.00 -8.60 -8.71
N GLU E 97 -15.30 -8.47 -8.51
CA GLU E 97 -16.05 -7.45 -9.25
C GLU E 97 -15.56 -6.04 -8.92
N ALA E 98 -15.30 -5.77 -7.64
CA ALA E 98 -14.77 -4.45 -7.29
C ALA E 98 -13.44 -4.18 -7.98
N TYR E 99 -12.56 -5.19 -8.01
CA TYR E 99 -11.27 -5.04 -8.67
C TYR E 99 -11.42 -4.68 -10.15
N LEU E 100 -12.29 -5.41 -10.86
CA LEU E 100 -12.41 -5.16 -12.29
C LEU E 100 -13.03 -3.80 -12.58
N VAL E 101 -13.98 -3.36 -11.76
CA VAL E 101 -14.60 -2.06 -12.00
C VAL E 101 -13.56 -0.94 -11.84
N GLY E 102 -12.76 -1.01 -10.77
CA GLY E 102 -11.72 0.01 -10.61
C GLY E 102 -10.74 0.03 -11.76
N LEU E 103 -10.33 -1.16 -12.21
CA LEU E 103 -9.40 -1.22 -13.34
C LEU E 103 -10.00 -0.56 -14.58
N PHE E 104 -11.26 -0.85 -14.89
CA PHE E 104 -11.84 -0.29 -16.11
C PHE E 104 -11.97 1.22 -16.02
N GLU E 105 -12.23 1.77 -14.84
CA GLU E 105 -12.25 3.24 -14.71
C GLU E 105 -10.89 3.84 -15.06
N ASP E 106 -9.81 3.27 -14.51
CA ASP E 106 -8.48 3.78 -14.85
C ASP E 106 -8.20 3.64 -16.35
N THR E 107 -8.62 2.52 -16.95
CA THR E 107 -8.37 2.30 -18.37
C THR E 107 -9.07 3.36 -19.23
N ASN E 108 -10.30 3.72 -18.86
CA ASN E 108 -11.00 4.77 -19.60
C ASN E 108 -10.25 6.09 -19.52
N LEU E 109 -9.73 6.44 -18.33
CA LEU E 109 -8.97 7.67 -18.24
C LEU E 109 -7.76 7.65 -19.16
N CYS E 110 -7.03 6.53 -19.15
CA CYS E 110 -5.83 6.42 -19.99
C CYS E 110 -6.18 6.54 -21.47
N ALA E 111 -7.29 5.93 -21.89
CA ALA E 111 -7.67 6.01 -23.30
C ALA E 111 -8.08 7.42 -23.71
N ILE E 112 -8.81 8.12 -22.84
CA ILE E 112 -9.20 9.49 -23.19
C ILE E 112 -7.98 10.39 -23.27
N HIS E 113 -6.92 10.08 -22.52
CA HIS E 113 -5.72 10.91 -22.60
C HIS E 113 -5.20 11.03 -24.03
N ALA E 114 -5.22 9.94 -24.80
CA ALA E 114 -4.65 9.92 -26.13
C ALA E 114 -5.66 10.34 -27.21
N LYS E 115 -6.72 11.05 -26.84
CA LYS E 115 -7.67 11.62 -27.79
C LYS E 115 -8.47 10.56 -28.53
N ARG E 116 -8.76 9.44 -27.87
CA ARG E 116 -9.65 8.41 -28.39
C ARG E 116 -10.86 8.28 -27.47
N VAL E 117 -11.85 7.51 -27.93
CA VAL E 117 -12.99 7.12 -27.12
C VAL E 117 -13.13 5.61 -26.99
N THR E 118 -12.21 4.85 -27.57
CA THR E 118 -12.20 3.40 -27.52
C THR E 118 -11.05 2.93 -26.65
N ILE E 119 -11.34 2.03 -25.71
CA ILE E 119 -10.32 1.49 -24.82
C ILE E 119 -9.67 0.28 -25.49
N MET E 120 -8.37 0.14 -25.31
CA MET E 120 -7.56 -0.86 -25.99
C MET E 120 -6.65 -1.58 -25.01
N PRO E 121 -6.13 -2.74 -25.39
CA PRO E 121 -5.24 -3.48 -24.47
C PRO E 121 -4.05 -2.67 -23.97
N LYS E 122 -3.49 -1.80 -24.82
CA LYS E 122 -2.36 -0.99 -24.37
C LYS E 122 -2.76 -0.06 -23.24
N ASP E 123 -4.01 0.40 -23.21
CA ASP E 123 -4.48 1.22 -22.11
C ASP E 123 -4.51 0.43 -20.80
N ILE E 124 -4.97 -0.81 -20.86
CA ILE E 124 -4.95 -1.69 -19.68
C ILE E 124 -3.52 -1.90 -19.21
N GLN E 125 -2.61 -2.18 -20.14
CA GLN E 125 -1.22 -2.43 -19.77
C GLN E 125 -0.59 -1.19 -19.13
N LEU E 126 -0.86 -0.01 -19.68
CA LEU E 126 -0.32 1.22 -19.11
C LEU E 126 -0.86 1.47 -17.71
N ALA E 127 -2.18 1.29 -17.52
CA ALA E 127 -2.75 1.50 -16.19
C ALA E 127 -2.17 0.53 -15.18
N ARG E 128 -2.02 -0.75 -15.55
CA ARG E 128 -1.49 -1.72 -14.61
C ARG E 128 -0.02 -1.44 -14.30
N ARG E 129 0.76 -1.02 -15.30
CA ARG E 129 2.16 -0.68 -15.05
C ARG E 129 2.28 0.51 -14.10
N ILE E 130 1.49 1.55 -14.32
CA ILE E 130 1.60 2.73 -13.46
C ILE E 130 1.08 2.41 -12.05
N ARG E 131 0.11 1.51 -11.93
CA ARG E 131 -0.36 1.10 -10.62
C ARG E 131 0.69 0.33 -9.82
N GLY E 132 1.69 -0.23 -10.49
CA GLY E 132 2.69 -1.05 -9.83
C GLY E 132 2.47 -2.54 -9.92
N GLU E 133 1.45 -2.99 -10.65
CA GLU E 133 1.13 -4.40 -10.80
C GLU E 133 1.84 -5.06 -11.97
N ARG E 134 2.56 -4.30 -12.78
CA ARG E 134 3.22 -4.81 -13.97
C ARG E 134 4.65 -4.28 -14.07
N VAL F 23 -11.84 -33.07 -13.55
CA VAL F 23 -12.75 -32.82 -14.65
C VAL F 23 -12.78 -31.33 -14.98
N LEU F 24 -12.67 -30.51 -13.94
CA LEU F 24 -12.72 -29.05 -14.10
C LEU F 24 -11.65 -28.60 -15.08
N ARG F 25 -12.09 -28.06 -16.22
CA ARG F 25 -11.17 -27.56 -17.23
C ARG F 25 -11.88 -26.48 -18.04
N ASP F 26 -11.10 -25.49 -18.48
CA ASP F 26 -11.55 -24.46 -19.42
C ASP F 26 -12.87 -23.83 -18.92
N ASN F 27 -12.86 -23.44 -17.66
CA ASN F 27 -13.99 -22.75 -17.06
C ASN F 27 -13.81 -21.24 -17.06
N ILE F 28 -12.68 -20.73 -17.59
CA ILE F 28 -12.49 -19.30 -17.74
C ILE F 28 -13.31 -18.72 -18.89
N GLN F 29 -13.82 -19.57 -19.78
CA GLN F 29 -14.68 -19.11 -20.84
C GLN F 29 -16.12 -18.90 -20.36
N GLY F 30 -16.43 -19.25 -19.11
CA GLY F 30 -17.69 -18.90 -18.51
C GLY F 30 -17.81 -17.46 -18.09
N ILE F 31 -16.71 -16.71 -18.18
CA ILE F 31 -16.75 -15.24 -17.97
C ILE F 31 -17.07 -14.64 -19.34
N THR F 32 -18.35 -14.67 -19.68
CA THR F 32 -18.77 -14.38 -21.04
C THR F 32 -18.39 -12.94 -21.42
N LYS F 33 -18.52 -12.65 -22.71
CA LYS F 33 -18.33 -11.29 -23.19
C LYS F 33 -19.35 -10.31 -22.63
N PRO F 34 -20.66 -10.60 -22.64
CA PRO F 34 -21.62 -9.64 -22.10
C PRO F 34 -21.42 -9.29 -20.64
N ALA F 35 -20.94 -10.22 -19.81
CA ALA F 35 -20.63 -9.88 -18.43
C ALA F 35 -19.50 -8.86 -18.37
N ILE F 36 -18.48 -9.03 -19.21
CA ILE F 36 -17.36 -8.11 -19.26
C ILE F 36 -17.85 -6.73 -19.70
N ARG F 37 -18.79 -6.69 -20.65
CA ARG F 37 -19.36 -5.42 -21.08
C ARG F 37 -20.16 -4.75 -19.97
N ARG F 38 -20.92 -5.54 -19.20
CA ARG F 38 -21.66 -4.95 -18.07
C ARG F 38 -20.72 -4.35 -17.04
N LEU F 39 -19.63 -5.05 -16.71
CA LEU F 39 -18.66 -4.50 -15.76
C LEU F 39 -18.03 -3.22 -16.29
N ALA F 40 -17.72 -3.19 -17.59
CA ALA F 40 -17.13 -1.98 -18.17
C ALA F 40 -18.13 -0.84 -18.17
N ARG F 41 -19.41 -1.12 -18.43
CA ARG F 41 -20.43 -0.08 -18.39
C ARG F 41 -20.56 0.50 -16.99
N ARG F 42 -20.55 -0.35 -15.97
CA ARG F 42 -20.49 0.18 -14.61
C ARG F 42 -19.21 0.98 -14.36
N GLY F 43 -18.14 0.69 -15.11
CA GLY F 43 -16.94 1.49 -15.04
C GLY F 43 -16.97 2.79 -15.82
N GLY F 44 -17.95 2.96 -16.71
CA GLY F 44 -18.09 4.19 -17.46
C GLY F 44 -17.61 4.16 -18.89
N VAL F 45 -17.21 3.00 -19.41
CA VAL F 45 -16.63 2.90 -20.74
C VAL F 45 -17.73 2.92 -21.79
N LYS F 46 -17.46 3.56 -22.92
CA LYS F 46 -18.46 3.79 -23.96
C LYS F 46 -18.22 3.01 -25.25
N ARG F 47 -16.97 2.65 -25.57
CA ARG F 47 -16.67 1.93 -26.80
C ARG F 47 -15.56 0.94 -26.52
N ILE F 48 -15.74 -0.31 -26.95
CA ILE F 48 -14.88 -1.42 -26.53
C ILE F 48 -14.29 -2.11 -27.76
N SER F 49 -13.01 -2.40 -27.70
CA SER F 49 -12.31 -3.12 -28.75
C SER F 49 -12.53 -4.63 -28.61
N GLY F 50 -12.35 -5.34 -29.72
CA GLY F 50 -12.60 -6.77 -29.72
C GLY F 50 -11.53 -7.61 -29.06
N LEU F 51 -10.39 -7.02 -28.71
CA LEU F 51 -9.28 -7.74 -28.10
C LEU F 51 -9.12 -7.38 -26.62
N ILE F 52 -10.21 -6.96 -25.99
CA ILE F 52 -10.19 -6.59 -24.59
C ILE F 52 -10.60 -7.75 -23.68
N TYR F 53 -11.35 -8.71 -24.21
CA TYR F 53 -11.94 -9.75 -23.37
C TYR F 53 -10.89 -10.77 -22.91
N GLU F 54 -9.98 -11.17 -23.79
CA GLU F 54 -8.93 -12.11 -23.40
C GLU F 54 -7.98 -11.50 -22.37
N GLU F 55 -7.61 -10.23 -22.56
CA GLU F 55 -6.75 -9.55 -21.60
C GLU F 55 -7.44 -9.47 -20.23
N THR F 56 -8.73 -9.18 -20.23
CA THR F 56 -9.49 -9.12 -18.99
C THR F 56 -9.50 -10.47 -18.30
N ARG F 57 -9.68 -11.56 -19.05
CA ARG F 57 -9.66 -12.88 -18.45
C ARG F 57 -8.30 -13.19 -17.83
N GLY F 58 -7.22 -12.83 -18.53
CA GLY F 58 -5.90 -13.04 -17.96
C GLY F 58 -5.72 -12.30 -16.64
N VAL F 59 -6.12 -11.02 -16.62
CA VAL F 59 -6.02 -10.23 -15.39
C VAL F 59 -6.78 -10.91 -14.26
N LEU F 60 -8.03 -11.31 -14.53
CA LEU F 60 -8.86 -11.92 -13.50
C LEU F 60 -8.24 -13.21 -12.98
N LYS F 61 -7.74 -14.07 -13.86
CA LYS F 61 -7.18 -15.33 -13.40
C LYS F 61 -5.97 -15.10 -12.50
N VAL F 62 -5.10 -14.16 -12.87
CA VAL F 62 -3.94 -13.89 -12.02
C VAL F 62 -4.39 -13.43 -10.64
N PHE F 63 -5.37 -12.52 -10.60
CA PHE F 63 -5.87 -12.02 -9.32
C PHE F 63 -6.41 -13.16 -8.45
N LEU F 64 -7.21 -14.04 -9.05
CA LEU F 64 -7.82 -15.14 -8.30
C LEU F 64 -6.76 -16.12 -7.81
N GLU F 65 -5.78 -16.47 -8.64
CA GLU F 65 -4.71 -17.34 -8.17
C GLU F 65 -4.06 -16.75 -6.92
N ASN F 66 -3.73 -15.46 -6.98
CA ASN F 66 -3.02 -14.84 -5.87
C ASN F 66 -3.84 -14.90 -4.59
N VAL F 67 -5.15 -14.63 -4.66
CA VAL F 67 -5.94 -14.60 -3.42
C VAL F 67 -6.19 -16.01 -2.89
N ILE F 68 -6.55 -16.95 -3.77
CA ILE F 68 -6.90 -18.28 -3.31
C ILE F 68 -5.69 -19.00 -2.71
N ARG F 69 -4.48 -18.69 -3.19
CA ARG F 69 -3.30 -19.29 -2.58
C ARG F 69 -3.21 -18.99 -1.09
N ASP F 70 -3.35 -17.72 -0.73
CA ASP F 70 -3.31 -17.31 0.67
C ASP F 70 -4.47 -17.90 1.46
N ALA F 71 -5.67 -17.94 0.87
CA ALA F 71 -6.81 -18.50 1.57
C ALA F 71 -6.57 -19.97 1.92
N VAL F 72 -6.07 -20.74 0.96
CA VAL F 72 -5.80 -22.15 1.22
C VAL F 72 -4.67 -22.32 2.22
N THR F 73 -3.68 -21.43 2.23
CA THR F 73 -2.65 -21.49 3.26
C THR F 73 -3.27 -21.34 4.65
N TYR F 74 -4.14 -20.35 4.83
CA TYR F 74 -4.77 -20.15 6.14
C TYR F 74 -5.60 -21.36 6.54
N THR F 75 -6.36 -21.91 5.60
CA THR F 75 -7.17 -23.08 5.92
C THR F 75 -6.30 -24.27 6.31
N GLU F 76 -5.21 -24.49 5.58
CA GLU F 76 -4.35 -25.63 5.87
C GLU F 76 -3.69 -25.50 7.25
N HIS F 77 -3.26 -24.28 7.61
CA HIS F 77 -2.62 -24.12 8.91
C HIS F 77 -3.59 -24.45 10.05
N ALA F 78 -4.86 -24.06 9.92
CA ALA F 78 -5.86 -24.32 10.96
C ALA F 78 -6.36 -25.75 10.97
N LYS F 79 -5.71 -26.65 10.24
CA LYS F 79 -5.99 -28.08 10.32
C LYS F 79 -7.45 -28.38 10.00
N ARG F 80 -7.93 -27.80 8.89
CA ARG F 80 -9.28 -28.02 8.42
C ARG F 80 -9.22 -28.50 6.98
N LYS F 81 -10.40 -28.86 6.47
CA LYS F 81 -10.60 -29.18 5.07
C LYS F 81 -11.62 -28.29 4.40
N THR F 82 -12.19 -27.34 5.14
CA THR F 82 -13.19 -26.41 4.64
C THR F 82 -12.63 -25.00 4.62
N VAL F 83 -12.91 -24.28 3.54
CA VAL F 83 -12.54 -22.88 3.41
C VAL F 83 -13.72 -22.04 3.93
N THR F 84 -13.46 -21.21 4.93
CA THR F 84 -14.48 -20.35 5.51
C THR F 84 -14.37 -18.95 4.93
N ALA F 85 -15.26 -18.05 5.39
CA ALA F 85 -15.21 -16.66 4.96
C ALA F 85 -14.09 -15.89 5.64
N MET F 86 -13.74 -16.26 6.86
CA MET F 86 -12.64 -15.58 7.55
C MET F 86 -11.33 -15.78 6.83
N ASP F 87 -11.12 -16.96 6.24
CA ASP F 87 -9.91 -17.21 5.47
C ASP F 87 -9.79 -16.24 4.30
N VAL F 88 -10.88 -16.06 3.56
CA VAL F 88 -10.89 -15.12 2.44
C VAL F 88 -10.67 -13.69 2.94
N VAL F 89 -11.31 -13.33 4.06
CA VAL F 89 -11.17 -11.97 4.57
C VAL F 89 -9.73 -11.68 4.93
N TYR F 90 -9.07 -12.61 5.61
CA TYR F 90 -7.68 -12.42 5.98
C TYR F 90 -6.78 -12.41 4.75
N ALA F 91 -7.08 -13.27 3.76
CA ALA F 91 -6.29 -13.30 2.54
C ALA F 91 -6.35 -11.96 1.82
N LEU F 92 -7.54 -11.36 1.74
CA LEU F 92 -7.67 -10.05 1.12
C LEU F 92 -6.96 -8.98 1.94
N LYS F 93 -7.07 -9.05 3.27
CA LYS F 93 -6.42 -8.07 4.13
C LYS F 93 -4.92 -8.09 3.93
N ARG F 94 -4.35 -9.28 3.67
CA ARG F 94 -2.93 -9.36 3.38
C ARG F 94 -2.56 -8.58 2.12
N GLN F 95 -3.42 -8.65 1.09
CA GLN F 95 -3.15 -8.00 -0.18
C GLN F 95 -3.33 -6.49 -0.12
N GLY F 96 -3.82 -5.96 0.99
CA GLY F 96 -4.13 -4.53 1.07
C GLY F 96 -5.50 -4.17 0.55
N ARG F 97 -6.45 -5.09 0.56
CA ARG F 97 -7.77 -4.91 -0.03
C ARG F 97 -8.86 -5.24 0.99
N THR F 98 -8.76 -4.63 2.18
CA THR F 98 -9.72 -4.81 3.26
C THR F 98 -11.15 -4.92 2.75
N LEU F 99 -11.88 -5.90 3.27
CA LEU F 99 -13.28 -6.12 2.98
C LEU F 99 -14.12 -5.89 4.23
N TYR F 100 -15.29 -5.28 4.04
CA TYR F 100 -16.24 -5.01 5.11
C TYR F 100 -17.53 -5.78 4.84
N GLY F 101 -18.07 -6.41 5.87
CA GLY F 101 -19.40 -6.99 5.80
C GLY F 101 -19.47 -8.49 5.67
N PHE F 102 -18.47 -9.23 6.15
CA PHE F 102 -18.51 -10.68 6.15
C PHE F 102 -18.04 -11.29 7.46
N GLY F 103 -17.58 -10.49 8.41
CA GLY F 103 -17.19 -10.99 9.71
C GLY F 103 -15.88 -10.41 10.22
N LYS G 12 32.41 -25.48 29.08
CA LYS G 12 31.42 -26.54 29.24
C LYS G 12 30.05 -26.12 28.71
N ALA G 13 29.89 -24.83 28.41
CA ALA G 13 28.64 -24.29 27.90
C ALA G 13 28.75 -24.08 26.39
N LYS G 14 27.78 -24.59 25.65
CA LYS G 14 27.76 -24.52 24.19
C LYS G 14 26.63 -23.61 23.75
N SER G 15 26.94 -22.70 22.83
CA SER G 15 25.93 -21.80 22.31
C SER G 15 24.96 -22.55 21.40
N ARG G 16 23.69 -22.11 21.43
CA ARG G 16 22.68 -22.75 20.61
C ARG G 16 22.93 -22.52 19.12
N SER G 17 23.60 -21.41 18.77
CA SER G 17 23.91 -21.16 17.37
C SER G 17 24.81 -22.25 16.80
N ASN G 18 25.84 -22.65 17.56
CA ASN G 18 26.69 -23.74 17.11
C ASN G 18 25.91 -25.04 17.04
N ARG G 19 25.04 -25.29 18.02
CA ARG G 19 24.25 -26.52 18.01
C ARG G 19 23.37 -26.60 16.77
N ALA G 20 22.88 -25.47 16.28
CA ALA G 20 22.06 -25.45 15.08
C ALA G 20 22.86 -25.31 13.79
N GLY G 21 24.18 -25.10 13.89
CA GLY G 21 25.00 -24.90 12.71
C GLY G 21 24.79 -23.57 12.02
N LEU G 22 24.65 -22.48 12.78
CA LEU G 22 24.28 -21.17 12.26
C LEU G 22 25.27 -20.12 12.73
N GLN G 23 25.17 -18.93 12.14
CA GLN G 23 25.92 -17.75 12.55
C GLN G 23 25.08 -16.73 13.29
N PHE G 24 23.90 -16.40 12.79
CA PHE G 24 23.06 -15.41 13.45
C PHE G 24 22.69 -15.88 14.84
N PRO G 25 22.55 -14.97 15.81
CA PRO G 25 22.41 -15.39 17.21
C PRO G 25 21.02 -15.92 17.51
N VAL G 26 20.95 -17.07 18.16
CA VAL G 26 19.67 -17.68 18.51
C VAL G 26 19.15 -17.17 19.85
N GLY G 27 20.04 -16.97 20.82
CA GLY G 27 19.61 -16.44 22.11
C GLY G 27 19.11 -15.01 22.04
N ARG G 28 19.79 -14.17 21.26
CA ARG G 28 19.35 -12.78 21.11
C ARG G 28 17.99 -12.71 20.43
N ILE G 29 17.78 -13.53 19.40
CA ILE G 29 16.49 -13.53 18.70
C ILE G 29 15.40 -14.10 19.60
N HIS G 30 15.73 -15.10 20.42
CA HIS G 30 14.76 -15.62 21.38
C HIS G 30 14.32 -14.51 22.35
N ARG G 31 15.28 -13.76 22.87
CA ARG G 31 14.96 -12.69 23.80
C ARG G 31 14.13 -11.60 23.12
N LEU G 32 14.48 -11.25 21.88
CA LEU G 32 13.72 -10.25 21.15
C LEU G 32 12.29 -10.69 20.88
N LEU G 33 12.07 -11.99 20.64
CA LEU G 33 10.71 -12.49 20.50
C LEU G 33 9.97 -12.44 21.83
N ARG G 34 10.67 -12.70 22.94
CA ARG G 34 9.99 -12.73 24.24
C ARG G 34 9.54 -11.35 24.70
N LYS G 35 10.29 -10.30 24.40
CA LYS G 35 10.03 -8.96 24.90
C LYS G 35 9.30 -8.08 23.90
N GLY G 36 8.84 -8.62 22.78
CA GLY G 36 8.31 -7.83 21.70
C GLY G 36 6.81 -7.74 21.57
N ASN G 37 6.04 -8.34 22.47
CA ASN G 37 4.57 -8.26 22.45
C ASN G 37 4.00 -8.94 21.20
N TYR G 38 4.34 -10.22 21.03
CA TYR G 38 3.81 -11.02 19.94
C TYR G 38 2.84 -12.09 20.40
N ALA G 39 3.06 -12.66 21.57
CA ALA G 39 2.21 -13.70 22.12
C ALA G 39 2.65 -13.95 23.55
N GLU G 40 1.89 -14.75 24.27
CA GLU G 40 2.19 -14.97 25.68
C GLU G 40 3.41 -15.88 25.86
N ARG G 41 3.63 -16.83 24.97
CA ARG G 41 4.69 -17.81 25.12
C ARG G 41 5.41 -18.02 23.79
N VAL G 42 6.71 -18.30 23.88
CA VAL G 42 7.54 -18.57 22.72
C VAL G 42 8.12 -19.97 22.89
N GLY G 43 8.04 -20.77 21.83
CA GLY G 43 8.53 -22.13 21.87
C GLY G 43 10.03 -22.20 21.71
N ALA G 44 10.54 -23.43 21.64
CA ALA G 44 11.97 -23.67 21.57
C ALA G 44 12.50 -23.67 20.14
N GLY G 45 11.69 -24.07 19.16
CA GLY G 45 12.12 -24.13 17.80
C GLY G 45 11.92 -22.86 16.99
N ALA G 46 11.16 -21.92 17.51
CA ALA G 46 10.90 -20.69 16.76
C ALA G 46 12.14 -19.86 16.50
N PRO G 47 12.97 -19.53 17.51
CA PRO G 47 14.15 -18.71 17.21
C PRO G 47 15.13 -19.36 16.25
N VAL G 48 15.32 -20.69 16.33
CA VAL G 48 16.24 -21.36 15.42
C VAL G 48 15.76 -21.23 13.98
N TYR G 49 14.47 -21.49 13.76
CA TYR G 49 13.89 -21.40 12.42
C TYR G 49 14.07 -20.00 11.86
N LEU G 50 13.70 -18.98 12.65
CA LEU G 50 13.76 -17.61 12.17
C LEU G 50 15.20 -17.18 11.89
N ALA G 51 16.14 -17.61 12.73
CA ALA G 51 17.54 -17.29 12.50
C ALA G 51 18.03 -17.90 11.19
N ALA G 52 17.64 -19.15 10.91
CA ALA G 52 18.03 -19.76 9.65
C ALA G 52 17.51 -18.97 8.45
N VAL G 53 16.25 -18.55 8.50
CA VAL G 53 15.68 -17.81 7.38
C VAL G 53 16.41 -16.49 7.16
N MET G 54 16.69 -15.77 8.25
CA MET G 54 17.42 -14.50 8.13
C MET G 54 18.80 -14.72 7.52
N GLU G 55 19.52 -15.75 7.98
CA GLU G 55 20.84 -16.03 7.42
C GLU G 55 20.76 -16.29 5.92
N TYR G 56 19.77 -17.08 5.50
CA TYR G 56 19.65 -17.41 4.09
C TYR G 56 19.46 -16.16 3.23
N LEU G 57 18.51 -15.30 3.62
CA LEU G 57 18.24 -14.12 2.80
C LEU G 57 19.45 -13.19 2.75
N ALA G 58 20.12 -12.99 3.89
CA ALA G 58 21.31 -12.15 3.89
C ALA G 58 22.38 -12.71 2.95
N ALA G 59 22.61 -14.03 2.99
CA ALA G 59 23.63 -14.61 2.14
C ALA G 59 23.32 -14.42 0.66
N GLU G 60 22.06 -14.60 0.28
CA GLU G 60 21.70 -14.42 -1.12
C GLU G 60 22.00 -13.00 -1.59
N VAL G 61 21.52 -12.01 -0.84
CA VAL G 61 21.72 -10.63 -1.26
C VAL G 61 23.22 -10.31 -1.36
N LEU G 62 23.98 -10.73 -0.35
CA LEU G 62 25.41 -10.39 -0.34
C LEU G 62 26.15 -11.06 -1.48
N GLU G 63 25.76 -12.27 -1.86
CA GLU G 63 26.39 -12.93 -3.00
C GLU G 63 26.17 -12.14 -4.28
N LEU G 64 24.93 -11.74 -4.55
CA LEU G 64 24.67 -11.00 -5.77
C LEU G 64 25.43 -9.68 -5.78
N ALA G 65 25.46 -8.98 -4.64
CA ALA G 65 26.19 -7.71 -4.57
C ALA G 65 27.68 -7.92 -4.79
N GLY G 66 28.24 -9.02 -4.30
CA GLY G 66 29.64 -9.30 -4.54
C GLY G 66 29.96 -9.51 -6.00
N ASN G 67 29.09 -10.22 -6.71
CA ASN G 67 29.27 -10.36 -8.15
C ASN G 67 29.26 -9.00 -8.84
N ALA G 68 28.29 -8.15 -8.49
CA ALA G 68 28.21 -6.84 -9.10
C ALA G 68 29.47 -6.02 -8.81
N ALA G 69 30.00 -6.13 -7.60
CA ALA G 69 31.24 -5.42 -7.27
C ALA G 69 32.40 -5.95 -8.09
N ARG G 70 32.48 -7.26 -8.29
CA ARG G 70 33.57 -7.82 -9.09
C ARG G 70 33.54 -7.28 -10.51
N ASP G 71 32.34 -7.13 -11.08
CA ASP G 71 32.26 -6.64 -12.46
C ASP G 71 32.89 -5.26 -12.62
N ASN G 72 32.86 -4.44 -11.57
CA ASN G 72 33.35 -3.07 -11.63
C ASN G 72 34.84 -2.95 -11.37
N LYS G 73 35.53 -4.05 -11.10
CA LYS G 73 36.94 -4.01 -10.67
C LYS G 73 37.10 -3.28 -9.34
N LYS G 74 36.21 -3.60 -8.39
CA LYS G 74 36.29 -3.07 -7.04
C LYS G 74 36.28 -4.22 -6.05
N THR G 75 37.03 -4.08 -4.97
CA THR G 75 37.12 -5.13 -3.96
C THR G 75 36.14 -4.95 -2.81
N ARG G 76 35.38 -3.86 -2.79
CA ARG G 76 34.37 -3.61 -1.76
C ARG G 76 33.01 -3.43 -2.39
N ILE G 77 31.98 -3.51 -1.56
CA ILE G 77 30.60 -3.36 -1.97
C ILE G 77 30.10 -2.01 -1.46
N ILE G 78 29.50 -1.23 -2.34
CA ILE G 78 28.93 0.08 -2.01
C ILE G 78 27.43 0.05 -2.31
N PRO G 79 26.65 1.04 -1.86
CA PRO G 79 25.20 0.97 -2.05
C PRO G 79 24.77 0.82 -3.51
N ARG G 80 25.58 1.32 -4.45
CA ARG G 80 25.28 1.13 -5.86
C ARG G 80 25.25 -0.34 -6.24
N HIS G 81 26.22 -1.12 -5.75
CA HIS G 81 26.25 -2.54 -6.07
C HIS G 81 25.06 -3.27 -5.48
N LEU G 82 24.68 -2.94 -4.24
CA LEU G 82 23.49 -3.54 -3.65
C LEU G 82 22.24 -3.19 -4.45
N GLN G 83 22.12 -1.94 -4.89
CA GLN G 83 20.99 -1.53 -5.71
C GLN G 83 20.92 -2.32 -7.01
N LEU G 84 22.06 -2.45 -7.70
CA LEU G 84 22.08 -3.19 -8.96
C LEU G 84 21.65 -4.63 -8.72
N ALA G 85 22.24 -5.28 -7.70
CA ALA G 85 21.89 -6.65 -7.39
C ALA G 85 20.39 -6.82 -7.13
N ILE G 86 19.82 -5.94 -6.31
CA ILE G 86 18.42 -6.11 -5.92
C ILE G 86 17.50 -5.87 -7.10
N ARG G 87 17.70 -4.78 -7.83
CA ARG G 87 16.73 -4.43 -8.88
C ARG G 87 16.84 -5.35 -10.07
N ASN G 88 18.01 -5.92 -10.33
CA ASN G 88 18.10 -6.85 -11.46
C ASN G 88 17.54 -8.23 -11.13
N ASP G 89 17.19 -8.51 -9.88
CA ASP G 89 16.64 -9.78 -9.45
C ASP G 89 15.14 -9.65 -9.25
N GLU G 90 14.36 -10.52 -9.90
CA GLU G 90 12.92 -10.34 -9.97
C GLU G 90 12.25 -10.61 -8.62
N GLU G 91 12.56 -11.73 -7.99
CA GLU G 91 11.91 -12.07 -6.72
C GLU G 91 12.36 -11.13 -5.61
N LEU G 92 13.65 -10.84 -5.54
CA LEU G 92 14.15 -9.89 -4.56
C LEU G 92 13.59 -8.49 -4.82
N ASN G 93 13.30 -8.18 -6.09
CA ASN G 93 12.71 -6.89 -6.41
C ASN G 93 11.25 -6.84 -6.01
N LYS G 94 10.57 -7.99 -5.99
CA LYS G 94 9.22 -8.04 -5.44
C LYS G 94 9.24 -7.93 -3.93
N LEU G 95 10.23 -8.52 -3.27
CA LEU G 95 10.29 -8.47 -1.81
C LEU G 95 10.48 -7.03 -1.32
N LEU G 96 11.23 -6.22 -2.05
CA LEU G 96 11.58 -4.86 -1.64
C LEU G 96 10.99 -3.83 -2.59
N SER G 97 9.74 -4.02 -3.01
CA SER G 97 9.14 -3.14 -4.01
C SER G 97 8.87 -1.74 -3.47
N GLY G 98 8.74 -1.59 -2.15
CA GLY G 98 8.43 -0.29 -1.57
C GLY G 98 9.56 0.32 -0.77
N VAL G 99 10.80 -0.09 -1.05
CA VAL G 99 11.96 0.34 -0.26
C VAL G 99 12.82 1.25 -1.13
N THR G 100 13.43 2.25 -0.50
CA THR G 100 14.36 3.16 -1.16
C THR G 100 15.72 3.03 -0.51
N ILE G 101 16.75 2.76 -1.32
CA ILE G 101 18.11 2.59 -0.84
C ILE G 101 18.90 3.84 -1.20
N ALA G 102 19.44 4.50 -0.18
CA ALA G 102 20.14 5.76 -0.38
C ALA G 102 21.42 5.57 -1.18
N GLN G 103 21.72 6.54 -2.04
CA GLN G 103 22.93 6.52 -2.86
C GLN G 103 23.01 5.27 -3.71
N GLY G 104 21.88 4.86 -4.29
CA GLY G 104 21.84 3.69 -5.13
C GLY G 104 21.62 4.02 -6.59
N GLY G 105 21.08 5.21 -6.88
CA GLY G 105 20.80 5.59 -8.24
C GLY G 105 19.65 4.78 -8.83
N VAL G 106 19.70 4.62 -10.16
CA VAL G 106 18.67 3.91 -10.91
C VAL G 106 19.36 2.95 -11.89
N LEU G 107 18.56 2.17 -12.58
CA LEU G 107 19.05 1.27 -13.61
C LEU G 107 19.09 1.99 -14.96
N PRO G 108 20.15 1.86 -15.75
CA PRO G 108 20.16 2.50 -17.07
C PRO G 108 19.05 1.96 -17.96
N ASN G 109 18.33 2.88 -18.60
CA ASN G 109 17.21 2.52 -19.46
C ASN G 109 16.77 3.72 -20.30
N ILE G 110 16.61 3.51 -21.60
CA ILE G 110 16.15 4.56 -22.52
C ILE G 110 15.13 3.92 -23.46
N GLN G 111 14.05 4.63 -23.73
CA GLN G 111 13.00 4.06 -24.57
C GLN G 111 13.40 4.09 -26.04
N ALA G 112 12.92 3.10 -26.78
CA ALA G 112 13.36 2.90 -28.16
C ALA G 112 12.98 4.05 -29.08
N VAL G 113 11.90 4.77 -28.77
CA VAL G 113 11.45 5.85 -29.65
C VAL G 113 12.29 7.11 -29.49
N LEU G 114 13.04 7.24 -28.41
CA LEU G 114 13.87 8.41 -28.19
C LEU G 114 15.23 8.31 -28.86
N LEU G 115 15.69 7.10 -29.20
CA LEU G 115 17.00 6.94 -29.80
C LEU G 115 16.98 7.38 -31.26
N PRO G 116 18.09 7.88 -31.77
CA PRO G 116 18.11 8.34 -33.17
C PRO G 116 18.02 7.18 -34.15
N LYS G 117 17.44 7.47 -35.30
CA LYS G 117 17.26 6.47 -36.35
C LYS G 117 18.11 6.79 -37.56
N ARG H 29 28.29 6.44 25.76
CA ARG H 29 29.06 5.25 26.07
C ARG H 29 28.18 4.00 26.20
N LYS H 30 26.87 4.20 26.17
CA LYS H 30 25.94 3.09 26.34
C LYS H 30 26.08 2.12 25.19
N ARG H 31 25.98 0.82 25.51
CA ARG H 31 26.14 -0.22 24.51
C ARG H 31 24.99 -0.17 23.51
N LYS H 32 25.34 -0.24 22.23
CA LYS H 32 24.37 -0.34 21.14
C LYS H 32 24.67 -1.60 20.35
N GLU H 33 23.63 -2.34 19.98
CA GLU H 33 23.77 -3.64 19.35
C GLU H 33 23.29 -3.61 17.90
N SER H 34 23.82 -4.54 17.11
CA SER H 34 23.50 -4.65 15.70
C SER H 34 23.94 -6.03 15.21
N TYR H 35 23.65 -6.31 13.94
CA TYR H 35 23.99 -7.59 13.31
C TYR H 35 25.24 -7.49 12.43
N ALA H 36 26.12 -6.52 12.68
CA ALA H 36 27.22 -6.25 11.76
C ALA H 36 28.20 -7.43 11.68
N ILE H 37 28.58 -7.98 12.84
CA ILE H 37 29.62 -9.03 12.83
C ILE H 37 29.10 -10.29 12.13
N TYR H 38 27.83 -10.62 12.33
CA TYR H 38 27.28 -11.79 11.69
C TYR H 38 27.21 -11.62 10.17
N ILE H 39 26.86 -10.42 9.72
CA ILE H 39 26.86 -10.13 8.28
C ILE H 39 28.27 -10.28 7.72
N TYR H 40 29.27 -9.76 8.43
CA TYR H 40 30.64 -9.89 7.97
C TYR H 40 31.06 -11.34 7.86
N LYS H 41 30.68 -12.17 8.85
CA LYS H 41 31.01 -13.59 8.79
C LYS H 41 30.36 -14.27 7.59
N VAL H 42 29.08 -13.96 7.32
CA VAL H 42 28.43 -14.57 6.17
C VAL H 42 29.13 -14.17 4.88
N LEU H 43 29.50 -12.88 4.77
CA LEU H 43 30.17 -12.41 3.56
C LEU H 43 31.51 -13.12 3.37
N LYS H 44 32.28 -13.28 4.45
CA LYS H 44 33.55 -14.00 4.32
C LYS H 44 33.30 -15.46 3.95
N GLN H 45 32.15 -16.02 4.31
CA GLN H 45 31.86 -17.38 3.92
C GLN H 45 31.49 -17.50 2.44
N VAL H 46 30.91 -16.47 1.84
CA VAL H 46 30.48 -16.54 0.44
C VAL H 46 31.52 -15.96 -0.52
N HIS H 47 32.11 -14.81 -0.18
CA HIS H 47 33.13 -14.17 -1.01
C HIS H 47 34.35 -13.94 -0.11
N PRO H 48 35.30 -14.87 -0.10
CA PRO H 48 36.38 -14.81 0.90
C PRO H 48 37.26 -13.57 0.83
N ASP H 49 37.33 -12.89 -0.32
CA ASP H 49 38.28 -11.80 -0.51
C ASP H 49 37.57 -10.51 -0.91
N THR H 50 36.56 -10.13 -0.14
CA THR H 50 35.78 -8.93 -0.41
C THR H 50 35.52 -8.18 0.90
N GLY H 51 35.39 -6.86 0.79
CA GLY H 51 35.10 -6.02 1.92
C GLY H 51 33.70 -5.43 1.86
N ILE H 52 33.47 -4.42 2.69
CA ILE H 52 32.20 -3.71 2.72
C ILE H 52 32.40 -2.39 3.46
N SER H 53 31.69 -1.35 3.03
CA SER H 53 31.80 -0.02 3.62
C SER H 53 30.72 0.22 4.66
N SER H 54 30.82 1.35 5.36
CA SER H 54 29.92 1.64 6.47
C SER H 54 28.47 1.75 6.01
N LYS H 55 28.23 2.44 4.90
CA LYS H 55 26.86 2.68 4.46
C LYS H 55 26.21 1.39 3.97
N ALA H 56 26.98 0.54 3.28
CA ALA H 56 26.43 -0.73 2.83
C ALA H 56 26.04 -1.60 4.02
N MET H 57 26.85 -1.62 5.07
CA MET H 57 26.50 -2.41 6.24
C MET H 57 25.30 -1.83 6.96
N SER H 58 25.17 -0.50 6.99
CA SER H 58 23.96 0.11 7.53
C SER H 58 22.72 -0.38 6.79
N ILE H 59 22.80 -0.45 5.47
CA ILE H 59 21.66 -0.91 4.67
C ILE H 59 21.35 -2.37 4.96
N MET H 60 22.40 -3.21 5.05
CA MET H 60 22.18 -4.62 5.35
C MET H 60 21.52 -4.81 6.72
N ASN H 61 21.94 -4.02 7.71
CA ASN H 61 21.33 -4.11 9.03
C ASN H 61 19.84 -3.75 8.96
N SER H 62 19.51 -2.69 8.21
CA SER H 62 18.10 -2.34 8.06
C SER H 62 17.31 -3.48 7.41
N PHE H 63 17.89 -4.12 6.40
CA PHE H 63 17.20 -5.21 5.71
C PHE H 63 16.90 -6.36 6.67
N VAL H 64 17.88 -6.72 7.49
CA VAL H 64 17.69 -7.82 8.44
C VAL H 64 16.60 -7.48 9.47
N ASN H 65 16.62 -6.25 9.99
CA ASN H 65 15.60 -5.84 10.96
C ASN H 65 14.20 -5.88 10.34
N ASP H 66 14.07 -5.40 9.10
CA ASP H 66 12.78 -5.40 8.44
C ASP H 66 12.23 -6.81 8.31
N ILE H 67 13.08 -7.75 7.89
CA ILE H 67 12.61 -9.13 7.71
C ILE H 67 12.16 -9.71 9.04
N PHE H 68 12.97 -9.55 10.09
CA PHE H 68 12.60 -10.08 11.39
C PHE H 68 11.22 -9.56 11.81
N GLU H 69 11.03 -8.25 11.71
CA GLU H 69 9.80 -7.63 12.19
C GLU H 69 8.59 -8.12 11.42
N ARG H 70 8.71 -8.23 10.08
CA ARG H 70 7.58 -8.70 9.29
C ARG H 70 7.17 -10.11 9.69
N ILE H 71 8.14 -11.02 9.77
CA ILE H 71 7.79 -12.41 10.06
C ILE H 71 7.20 -12.53 11.45
N ALA H 72 7.76 -11.81 12.43
CA ALA H 72 7.21 -11.86 13.78
C ALA H 72 5.77 -11.39 13.82
N ALA H 73 5.46 -10.29 13.12
CA ALA H 73 4.10 -9.78 13.13
C ALA H 73 3.10 -10.76 12.51
N GLU H 74 3.47 -11.37 11.38
CA GLU H 74 2.55 -12.31 10.74
C GLU H 74 2.33 -13.54 11.62
N ALA H 75 3.39 -14.02 12.29
CA ALA H 75 3.22 -15.16 13.19
C ALA H 75 2.29 -14.81 14.36
N SER H 76 2.44 -13.60 14.91
CA SER H 76 1.55 -13.17 15.98
C SER H 76 0.10 -13.17 15.53
N ARG H 77 -0.15 -12.65 14.32
CA ARG H 77 -1.51 -12.66 13.78
C ARG H 77 -2.05 -14.08 13.65
N LEU H 78 -1.24 -15.00 13.13
CA LEU H 78 -1.68 -16.38 13.00
C LEU H 78 -2.07 -16.96 14.36
N ALA H 79 -1.18 -16.83 15.34
CA ALA H 79 -1.47 -17.38 16.66
C ALA H 79 -2.77 -16.81 17.20
N HIS H 80 -3.01 -15.51 17.02
CA HIS H 80 -4.21 -14.90 17.59
C HIS H 80 -5.47 -15.36 16.87
N TYR H 81 -5.41 -15.55 15.54
CA TYR H 81 -6.61 -15.98 14.82
C TYR H 81 -7.13 -17.31 15.35
N ASN H 82 -6.21 -18.22 15.70
CA ASN H 82 -6.53 -19.60 16.00
C ASN H 82 -6.76 -19.84 17.49
N LYS H 83 -6.80 -18.78 18.30
CA LYS H 83 -7.08 -18.89 19.73
C LYS H 83 -5.99 -19.67 20.47
N ARG H 84 -4.73 -19.42 20.11
CA ARG H 84 -3.59 -20.04 20.76
C ARG H 84 -2.69 -18.95 21.35
N SER H 85 -1.93 -19.33 22.38
CA SER H 85 -1.09 -18.38 23.10
C SER H 85 0.40 -18.65 22.93
N THR H 86 0.78 -19.46 21.94
CA THR H 86 2.18 -19.82 21.73
C THR H 86 2.56 -19.60 20.28
N ILE H 87 3.79 -19.17 20.06
CA ILE H 87 4.41 -19.12 18.74
C ILE H 87 5.42 -20.24 18.66
N THR H 88 5.19 -21.19 17.77
CA THR H 88 6.06 -22.33 17.57
C THR H 88 6.72 -22.23 16.19
N SER H 89 7.51 -23.24 15.84
CA SER H 89 8.12 -23.25 14.51
C SER H 89 7.08 -23.40 13.41
N ARG H 90 5.91 -23.95 13.74
CA ARG H 90 4.84 -24.07 12.75
C ARG H 90 4.34 -22.69 12.29
N GLU H 91 4.14 -21.77 13.23
CA GLU H 91 3.76 -20.41 12.86
C GLU H 91 4.81 -19.75 11.99
N ILE H 92 6.09 -19.93 12.34
CA ILE H 92 7.15 -19.31 11.54
C ILE H 92 7.13 -19.88 10.13
N GLN H 93 6.97 -21.20 10.00
CA GLN H 93 6.95 -21.81 8.67
C GLN H 93 5.81 -21.26 7.83
N THR H 94 4.60 -21.20 8.41
CA THR H 94 3.46 -20.72 7.63
C THR H 94 3.60 -19.24 7.28
N ALA H 95 4.17 -18.45 8.19
CA ALA H 95 4.40 -17.04 7.90
C ALA H 95 5.39 -16.87 6.75
N VAL H 96 6.45 -17.68 6.72
CA VAL H 96 7.38 -17.62 5.60
C VAL H 96 6.68 -18.00 4.31
N ARG H 97 5.83 -19.03 4.35
CA ARG H 97 5.07 -19.40 3.17
C ARG H 97 4.20 -18.23 2.69
N LEU H 98 3.67 -17.46 3.63
CA LEU H 98 2.79 -16.34 3.26
C LEU H 98 3.59 -15.17 2.68
N LEU H 99 4.80 -14.92 3.19
CA LEU H 99 5.48 -13.66 2.93
C LEU H 99 6.40 -13.68 1.70
N LEU H 100 7.32 -14.64 1.61
CA LEU H 100 8.28 -14.62 0.52
C LEU H 100 7.67 -15.16 -0.77
N PRO H 101 8.10 -14.65 -1.94
CA PRO H 101 7.55 -15.16 -3.20
C PRO H 101 8.40 -16.23 -3.87
N GLY H 102 7.76 -17.12 -4.62
CA GLY H 102 8.47 -17.99 -5.53
C GLY H 102 9.41 -18.97 -4.84
N GLU H 103 10.60 -19.13 -5.40
CA GLU H 103 11.56 -20.13 -4.95
C GLU H 103 12.30 -19.70 -3.69
N LEU H 104 12.30 -18.41 -3.36
CA LEU H 104 12.90 -17.96 -2.12
C LEU H 104 12.21 -18.62 -0.92
N ALA H 105 10.88 -18.74 -1.00
CA ALA H 105 10.14 -19.40 0.08
C ALA H 105 10.53 -20.87 0.19
N LYS H 106 10.65 -21.56 -0.94
CA LYS H 106 11.04 -22.97 -0.93
C LYS H 106 12.40 -23.15 -0.27
N HIS H 107 13.39 -22.37 -0.70
CA HIS H 107 14.73 -22.51 -0.16
C HIS H 107 14.77 -22.17 1.33
N ALA H 108 14.05 -21.12 1.72
CA ALA H 108 14.02 -20.74 3.13
C ALA H 108 13.39 -21.81 4.00
N VAL H 109 12.30 -22.42 3.52
CA VAL H 109 11.67 -23.50 4.28
C VAL H 109 12.62 -24.67 4.44
N SER H 110 13.31 -25.05 3.36
CA SER H 110 14.25 -26.15 3.44
C SER H 110 15.34 -25.86 4.47
N GLU H 111 15.91 -24.66 4.42
CA GLU H 111 16.97 -24.31 5.35
C GLU H 111 16.48 -24.32 6.79
N GLY H 112 15.28 -23.79 7.03
CA GLY H 112 14.76 -23.77 8.39
C GLY H 112 14.53 -25.16 8.94
N THR H 113 13.91 -26.04 8.15
CA THR H 113 13.69 -27.40 8.63
C THR H 113 15.01 -28.11 8.88
N LYS H 114 16.00 -27.91 8.01
CA LYS H 114 17.31 -28.50 8.23
C LYS H 114 17.88 -28.05 9.57
N ALA H 115 17.81 -26.75 9.84
CA ALA H 115 18.38 -26.22 11.08
C ALA H 115 17.66 -26.77 12.29
N VAL H 116 16.34 -26.87 12.25
CA VAL H 116 15.61 -27.35 13.43
C VAL H 116 15.92 -28.82 13.67
N THR H 117 15.96 -29.63 12.62
CA THR H 117 16.29 -31.04 12.79
C THR H 117 17.70 -31.21 13.33
N LYS H 118 18.65 -30.40 12.85
CA LYS H 118 20.00 -30.48 13.40
C LYS H 118 20.03 -30.08 14.87
N TYR H 119 19.31 -29.04 15.24
CA TYR H 119 19.37 -28.53 16.61
C TYR H 119 18.77 -29.52 17.60
N THR H 120 17.58 -30.04 17.27
CA THR H 120 16.91 -30.95 18.21
C THR H 120 17.65 -32.27 18.35
N SER H 121 18.60 -32.57 17.47
CA SER H 121 19.33 -33.83 17.53
C SER H 121 20.37 -33.86 18.64
N SER H 122 20.84 -32.69 19.09
CA SER H 122 21.82 -32.63 20.16
C SER H 122 21.21 -33.15 21.46
N LYS I 37 32.88 29.13 -38.28
CA LYS I 37 31.70 28.30 -38.08
C LYS I 37 32.01 27.17 -37.10
N PRO I 38 31.32 27.11 -35.97
CA PRO I 38 31.60 26.08 -34.97
C PRO I 38 30.96 24.75 -35.35
N HIS I 39 31.22 23.75 -34.51
CA HIS I 39 30.70 22.39 -34.71
C HIS I 39 29.45 22.18 -33.87
N ARG I 40 28.34 22.73 -34.36
CA ARG I 40 27.09 22.69 -33.60
C ARG I 40 26.44 21.32 -33.70
N TYR I 41 26.17 20.71 -32.54
CA TYR I 41 25.42 19.46 -32.51
C TYR I 41 23.96 19.71 -32.82
N ARG I 42 23.34 18.77 -33.53
CA ARG I 42 21.92 18.91 -33.84
C ARG I 42 21.11 18.75 -32.56
N PRO I 43 19.88 19.28 -32.54
CA PRO I 43 19.07 19.18 -31.32
C PRO I 43 18.84 17.73 -30.92
N GLY I 44 18.93 17.46 -29.61
CA GLY I 44 18.69 16.16 -29.05
C GLY I 44 19.93 15.33 -28.78
N THR I 45 21.07 15.69 -29.36
CA THR I 45 22.29 14.92 -29.15
C THR I 45 22.81 15.10 -27.74
N VAL I 46 22.90 16.35 -27.28
CA VAL I 46 23.36 16.59 -25.92
C VAL I 46 22.35 16.07 -24.93
N ALA I 47 21.07 16.02 -25.30
CA ALA I 47 20.06 15.49 -24.39
C ALA I 47 20.31 14.03 -24.06
N LEU I 48 20.54 13.20 -25.08
CA LEU I 48 20.87 11.80 -24.83
C LEU I 48 22.18 11.67 -24.08
N ARG I 49 23.16 12.52 -24.41
CA ARG I 49 24.41 12.52 -23.64
C ARG I 49 24.13 12.68 -22.15
N GLU I 50 23.37 13.72 -21.78
CA GLU I 50 23.10 13.98 -20.37
C GLU I 50 22.27 12.89 -19.72
N ILE I 51 21.32 12.30 -20.45
CA ILE I 51 20.56 11.17 -19.89
C ILE I 51 21.52 10.06 -19.49
N ARG I 52 22.41 9.67 -20.40
CA ARG I 52 23.38 8.62 -20.09
C ARG I 52 24.25 9.02 -18.91
N ARG I 53 24.70 10.27 -18.89
CA ARG I 53 25.61 10.71 -17.83
C ARG I 53 24.95 10.62 -16.46
N TYR I 54 23.69 11.05 -16.34
CA TYR I 54 23.03 11.10 -15.05
C TYR I 54 22.37 9.78 -14.66
N GLN I 55 22.24 8.83 -15.57
CA GLN I 55 21.83 7.49 -15.17
C GLN I 55 23.00 6.60 -14.78
N LYS I 56 24.23 7.12 -14.86
CA LYS I 56 25.43 6.40 -14.47
C LYS I 56 25.91 6.74 -13.06
N SER I 57 25.34 7.73 -12.40
CA SER I 57 25.86 8.25 -11.15
C SER I 57 24.80 8.17 -10.05
N THR I 58 25.24 8.47 -8.82
CA THR I 58 24.39 8.34 -7.64
C THR I 58 24.42 9.58 -6.75
N GLU I 59 24.86 10.72 -7.27
CA GLU I 59 24.99 11.93 -6.47
C GLU I 59 23.67 12.69 -6.38
N LEU I 60 23.55 13.51 -5.33
CA LEU I 60 22.40 14.38 -5.18
C LEU I 60 22.43 15.47 -6.24
N LEU I 61 21.26 15.77 -6.81
CA LEU I 61 21.15 16.67 -7.95
C LEU I 61 20.65 18.07 -7.59
N ILE I 62 20.30 18.32 -6.33
CA ILE I 62 19.78 19.62 -5.90
C ILE I 62 20.72 20.20 -4.85
N ARG I 63 20.99 21.50 -4.94
CA ARG I 63 21.93 22.13 -4.04
C ARG I 63 21.45 22.04 -2.60
N LYS I 64 22.41 21.99 -1.67
CA LYS I 64 22.08 21.73 -0.27
C LYS I 64 21.36 22.90 0.38
N LEU I 65 22.00 24.06 0.41
CA LEU I 65 21.48 25.19 1.18
C LEU I 65 20.08 25.62 0.76
N PRO I 66 19.77 25.74 -0.53
CA PRO I 66 18.37 26.00 -0.91
C PRO I 66 17.39 24.98 -0.36
N PHE I 67 17.72 23.68 -0.43
CA PHE I 67 16.79 22.67 0.07
C PHE I 67 16.60 22.80 1.58
N GLN I 68 17.69 23.06 2.31
CA GLN I 68 17.60 23.21 3.76
C GLN I 68 16.75 24.42 4.14
N ARG I 69 16.91 25.53 3.41
CA ARG I 69 16.10 26.70 3.68
C ARG I 69 14.62 26.43 3.41
N LEU I 70 14.32 25.74 2.31
CA LEU I 70 12.93 25.39 2.05
C LEU I 70 12.35 24.53 3.17
N VAL I 71 13.13 23.56 3.65
CA VAL I 71 12.63 22.66 4.69
C VAL I 71 12.35 23.43 5.96
N ARG I 72 13.26 24.32 6.36
CA ARG I 72 13.04 25.11 7.56
C ARG I 72 11.81 26.00 7.41
N GLU I 73 11.64 26.62 6.25
CA GLU I 73 10.46 27.47 6.03
C GLU I 73 9.17 26.68 6.14
N ILE I 74 9.15 25.46 5.59
CA ILE I 74 7.93 24.66 5.71
C ILE I 74 7.69 24.23 7.15
N ALA I 75 8.75 23.87 7.87
CA ALA I 75 8.60 23.41 9.24
C ALA I 75 8.18 24.52 10.19
N GLN I 76 8.43 25.77 9.82
CA GLN I 76 8.07 26.89 10.67
C GLN I 76 6.56 27.07 10.82
N ASP I 77 5.75 26.37 10.01
CA ASP I 77 4.30 26.46 10.05
C ASP I 77 3.64 25.44 10.98
N PHE I 78 4.41 24.67 11.75
CA PHE I 78 3.87 23.64 12.64
C PHE I 78 4.38 23.72 14.07
N LYS I 79 5.52 24.37 14.32
CA LYS I 79 6.09 24.44 15.64
C LYS I 79 7.16 25.52 15.61
N THR I 80 7.32 26.24 16.72
CA THR I 80 8.17 27.41 16.77
C THR I 80 9.55 27.08 17.32
N ASP I 81 10.57 27.67 16.69
CA ASP I 81 11.98 27.47 17.07
C ASP I 81 12.34 25.98 17.11
N LEU I 82 12.26 25.37 15.93
CA LEU I 82 12.68 23.98 15.76
C LEU I 82 14.18 23.92 15.55
N ARG I 83 14.75 22.77 15.91
CA ARG I 83 16.12 22.43 15.56
C ARG I 83 16.13 21.13 14.77
N PHE I 84 17.13 20.96 13.92
CA PHE I 84 17.26 19.77 13.10
C PHE I 84 18.63 19.14 13.30
N GLN I 85 18.69 17.83 13.10
CA GLN I 85 19.94 17.13 12.90
C GLN I 85 20.30 17.15 11.42
N SER I 86 21.60 17.12 11.13
CA SER I 86 22.04 17.14 9.73
C SER I 86 21.53 15.91 8.98
N SER I 87 21.61 14.74 9.60
CA SER I 87 21.17 13.52 8.95
C SER I 87 19.67 13.52 8.69
N ALA I 88 18.89 14.27 9.46
CA ALA I 88 17.46 14.40 9.17
C ALA I 88 17.22 15.12 7.85
N VAL I 89 17.94 16.23 7.63
CA VAL I 89 17.83 16.96 6.37
C VAL I 89 18.30 16.09 5.22
N MET I 90 19.39 15.34 5.43
CA MET I 90 19.87 14.44 4.39
C MET I 90 18.83 13.40 4.03
N ALA I 91 18.18 12.80 5.02
CA ALA I 91 17.16 11.79 4.76
C ALA I 91 16.00 12.39 3.98
N LEU I 92 15.55 13.59 4.37
CA LEU I 92 14.47 14.23 3.63
C LEU I 92 14.85 14.48 2.17
N GLN I 93 16.07 14.97 1.92
CA GLN I 93 16.46 15.25 0.54
C GLN I 93 16.54 13.96 -0.27
N GLU I 94 17.09 12.89 0.31
CA GLU I 94 17.17 11.61 -0.40
C GLU I 94 15.78 11.13 -0.79
N ALA I 95 14.85 11.10 0.17
CA ALA I 95 13.50 10.63 -0.13
C ALA I 95 12.83 11.50 -1.19
N SER I 96 12.99 12.82 -1.11
CA SER I 96 12.33 13.70 -2.07
C SER I 96 12.84 13.48 -3.48
N GLU I 97 14.16 13.37 -3.65
CA GLU I 97 14.69 13.17 -4.99
C GLU I 97 14.27 11.82 -5.56
N ALA I 98 14.26 10.78 -4.71
CA ALA I 98 13.74 9.49 -5.18
C ALA I 98 12.31 9.62 -5.66
N TYR I 99 11.48 10.34 -4.90
CA TYR I 99 10.07 10.50 -5.26
C TYR I 99 9.93 11.21 -6.61
N LEU I 100 10.69 12.29 -6.81
CA LEU I 100 10.55 13.04 -8.06
C LEU I 100 11.07 12.26 -9.25
N VAL I 101 12.16 11.50 -9.07
CA VAL I 101 12.67 10.69 -10.18
C VAL I 101 11.65 9.63 -10.58
N GLY I 102 11.02 8.97 -9.60
CA GLY I 102 10.00 7.99 -9.93
C GLY I 102 8.80 8.61 -10.64
N LEU I 103 8.38 9.79 -10.18
CA LEU I 103 7.25 10.47 -10.82
C LEU I 103 7.57 10.82 -12.27
N PHE I 104 8.78 11.34 -12.54
CA PHE I 104 9.14 11.63 -13.93
C PHE I 104 9.23 10.36 -14.76
N GLU I 105 9.66 9.25 -14.15
CA GLU I 105 9.64 7.98 -14.85
C GLU I 105 8.25 7.63 -15.36
N ASP I 106 7.24 7.81 -14.51
CA ASP I 106 5.86 7.53 -14.96
C ASP I 106 5.37 8.56 -15.96
N THR I 107 5.77 9.83 -15.77
CA THR I 107 5.33 10.90 -16.66
C THR I 107 5.83 10.68 -18.08
N ASN I 108 7.06 10.19 -18.24
CA ASN I 108 7.59 9.94 -19.58
C ASN I 108 6.78 8.87 -20.30
N LEU I 109 6.37 7.83 -19.58
CA LEU I 109 5.52 6.80 -20.19
C LEU I 109 4.18 7.37 -20.62
N CYS I 110 3.58 8.20 -19.76
CA CYS I 110 2.31 8.83 -20.15
C CYS I 110 2.47 9.71 -21.38
N ALA I 111 3.60 10.40 -21.50
CA ALA I 111 3.82 11.27 -22.65
C ALA I 111 4.05 10.46 -23.93
N ILE I 112 4.78 9.34 -23.84
CA ILE I 112 4.98 8.49 -25.00
C ILE I 112 3.67 7.82 -25.41
N HIS I 113 2.77 7.57 -24.45
CA HIS I 113 1.50 6.92 -24.77
C HIS I 113 0.72 7.70 -25.82
N ALA I 114 0.79 9.03 -25.79
CA ALA I 114 0.03 9.89 -26.69
C ALA I 114 0.83 10.32 -27.91
N LYS I 115 1.79 9.51 -28.34
CA LYS I 115 2.54 9.74 -29.58
C LYS I 115 3.34 11.04 -29.52
N ARG I 116 3.94 11.31 -28.37
CA ARG I 116 4.68 12.55 -28.15
C ARG I 116 6.07 12.21 -27.65
N VAL I 117 6.90 13.25 -27.55
CA VAL I 117 8.27 13.12 -27.08
C VAL I 117 8.55 14.16 -26.01
N THR I 118 7.58 15.04 -25.76
CA THR I 118 7.75 16.18 -24.87
C THR I 118 6.75 16.08 -23.72
N ILE I 119 7.24 16.17 -22.49
CA ILE I 119 6.33 16.09 -21.35
C ILE I 119 5.61 17.41 -21.15
N MET I 120 4.43 17.34 -20.52
CA MET I 120 3.57 18.49 -20.27
C MET I 120 2.91 18.33 -18.91
N PRO I 121 2.29 19.38 -18.36
CA PRO I 121 1.63 19.24 -17.05
C PRO I 121 0.53 18.19 -17.00
N LYS I 122 -0.19 17.99 -18.10
CA LYS I 122 -1.26 17.01 -18.11
C LYS I 122 -0.73 15.60 -17.88
N ASP I 123 0.48 15.30 -18.33
CA ASP I 123 1.06 13.98 -18.10
C ASP I 123 1.30 13.75 -16.61
N ILE I 124 1.82 14.75 -15.92
CA ILE I 124 2.01 14.64 -14.47
C ILE I 124 0.67 14.45 -13.78
N GLN I 125 -0.34 15.19 -14.21
CA GLN I 125 -1.65 15.06 -13.59
C GLN I 125 -2.22 13.65 -13.77
N LEU I 126 -2.07 13.08 -14.97
CA LEU I 126 -2.56 11.71 -15.18
C LEU I 126 -1.79 10.71 -14.33
N ALA I 127 -0.46 10.84 -14.27
CA ALA I 127 0.32 9.88 -13.49
C ALA I 127 -0.10 9.93 -12.02
N ARG I 128 -0.30 11.13 -11.48
CA ARG I 128 -0.66 11.25 -10.07
C ARG I 128 -2.10 10.83 -9.81
N ARG I 129 -2.99 10.95 -10.79
CA ARG I 129 -4.34 10.44 -10.62
C ARG I 129 -4.34 8.92 -10.57
N ILE I 130 -3.64 8.28 -11.50
CA ILE I 130 -3.64 6.82 -11.55
C ILE I 130 -2.91 6.23 -10.35
N ARG I 131 -1.82 6.87 -9.90
CA ARG I 131 -1.11 6.36 -8.73
C ARG I 131 -1.92 6.48 -7.45
N GLY I 132 -2.97 7.29 -7.43
CA GLY I 132 -3.82 7.45 -6.27
C GLY I 132 -3.57 8.70 -5.46
N GLU I 133 -2.52 9.47 -5.77
CA GLU I 133 -2.19 10.66 -4.99
C GLU I 133 -3.21 11.78 -5.16
N ARG I 134 -4.13 11.68 -6.12
CA ARG I 134 -5.19 12.65 -6.29
C ARG I 134 -6.55 11.97 -6.23
N LYS J 22 13.65 34.39 11.88
CA LYS J 22 12.95 35.29 10.97
C LYS J 22 11.97 34.53 10.09
N VAL J 23 11.03 35.26 9.49
CA VAL J 23 9.99 34.67 8.65
C VAL J 23 10.61 34.46 7.27
N LEU J 24 11.02 33.23 6.98
CA LEU J 24 11.59 32.92 5.67
C LEU J 24 10.50 32.93 4.61
N ARG J 25 10.87 33.36 3.40
CA ARG J 25 9.91 33.48 2.32
C ARG J 25 10.60 33.21 0.99
N ASP J 26 9.80 32.82 0.00
CA ASP J 26 10.21 32.72 -1.41
C ASP J 26 11.25 31.63 -1.64
N ASN J 27 11.48 30.74 -0.66
CA ASN J 27 12.56 29.77 -0.79
C ASN J 27 12.26 28.68 -1.81
N ILE J 28 10.99 28.55 -2.21
CA ILE J 28 10.63 27.53 -3.19
C ILE J 28 11.34 27.77 -4.51
N GLN J 29 11.62 29.03 -4.85
CA GLN J 29 12.33 29.34 -6.08
C GLN J 29 13.82 29.01 -6.00
N GLY J 30 14.29 28.48 -4.88
CA GLY J 30 15.64 27.93 -4.83
C GLY J 30 15.79 26.63 -5.58
N ILE J 31 14.68 25.95 -5.85
CA ILE J 31 14.67 24.77 -6.72
C ILE J 31 14.65 25.30 -8.16
N THR J 32 15.82 25.41 -8.78
CA THR J 32 15.95 26.15 -10.03
C THR J 32 15.62 25.27 -11.22
N LYS J 33 15.55 25.91 -12.39
CA LYS J 33 15.23 25.20 -13.62
C LYS J 33 16.24 24.13 -13.98
N PRO J 34 17.56 24.38 -13.94
CA PRO J 34 18.52 23.32 -14.27
C PRO J 34 18.47 22.12 -13.33
N ALA J 35 18.16 22.32 -12.04
CA ALA J 35 18.05 21.19 -11.14
C ALA J 35 16.90 20.27 -11.52
N ILE J 36 15.74 20.85 -11.85
CA ILE J 36 14.62 20.03 -12.28
C ILE J 36 14.95 19.36 -13.61
N ARG J 37 15.71 20.04 -14.47
CA ARG J 37 16.14 19.40 -15.71
C ARG J 37 17.02 18.19 -15.44
N ARG J 38 17.97 18.31 -14.51
CA ARG J 38 18.81 17.18 -14.15
C ARG J 38 17.98 16.02 -13.61
N LEU J 39 17.03 16.32 -12.74
CA LEU J 39 16.17 15.27 -12.20
C LEU J 39 15.41 14.57 -13.32
N ALA J 40 14.91 15.33 -14.29
CA ALA J 40 14.23 14.70 -15.41
C ALA J 40 15.20 13.89 -16.27
N ARG J 41 16.47 14.28 -16.31
CA ARG J 41 17.47 13.50 -17.04
C ARG J 41 17.67 12.13 -16.39
N ARG J 42 17.75 12.09 -15.05
CA ARG J 42 17.91 10.78 -14.40
C ARG J 42 16.68 9.90 -14.57
N GLY J 43 15.51 10.48 -14.84
CA GLY J 43 14.30 9.73 -15.13
C GLY J 43 14.10 9.36 -16.57
N GLY J 44 15.01 9.77 -17.46
CA GLY J 44 14.94 9.36 -18.85
C GLY J 44 14.16 10.28 -19.77
N VAL J 45 14.08 11.56 -19.47
CA VAL J 45 13.28 12.51 -20.24
C VAL J 45 14.19 13.27 -21.19
N LYS J 46 13.70 13.53 -22.41
CA LYS J 46 14.50 14.14 -23.46
C LYS J 46 14.13 15.59 -23.73
N ARG J 47 12.85 15.88 -23.98
CA ARG J 47 12.39 17.25 -24.18
C ARG J 47 11.39 17.63 -23.10
N ILE J 48 11.50 18.88 -22.62
CA ILE J 48 10.77 19.37 -21.46
C ILE J 48 10.04 20.66 -21.85
N SER J 49 8.75 20.71 -21.60
CA SER J 49 7.95 21.89 -21.90
C SER J 49 8.19 22.97 -20.85
N GLY J 50 7.86 24.21 -21.22
CA GLY J 50 8.18 25.36 -20.40
C GLY J 50 7.23 25.66 -19.27
N LEU J 51 6.05 25.05 -19.25
CA LEU J 51 5.09 25.24 -18.17
C LEU J 51 5.24 24.21 -17.06
N ILE J 52 6.30 23.40 -17.12
CA ILE J 52 6.41 22.24 -16.24
C ILE J 52 7.31 22.49 -15.04
N TYR J 53 7.88 23.68 -14.91
CA TYR J 53 8.73 23.98 -13.77
C TYR J 53 7.95 24.44 -12.53
N GLU J 54 6.69 24.84 -12.68
CA GLU J 54 5.87 25.21 -11.54
C GLU J 54 5.11 24.03 -10.96
N GLU J 55 4.68 23.10 -11.82
CA GLU J 55 4.03 21.89 -11.35
C GLU J 55 4.94 21.10 -10.41
N THR J 56 6.22 20.98 -10.77
CA THR J 56 7.15 20.24 -9.94
C THR J 56 7.27 20.88 -8.56
N ARG J 57 7.31 22.21 -8.52
CA ARG J 57 7.40 22.90 -7.23
C ARG J 57 6.16 22.67 -6.39
N GLY J 58 4.97 22.69 -7.00
CA GLY J 58 3.76 22.40 -6.26
C GLY J 58 3.76 21.00 -5.66
N VAL J 59 4.14 20.00 -6.46
CA VAL J 59 4.14 18.62 -5.97
C VAL J 59 5.16 18.44 -4.86
N LEU J 60 6.36 19.01 -5.03
CA LEU J 60 7.38 18.90 -4.00
C LEU J 60 6.90 19.53 -2.69
N LYS J 61 6.22 20.68 -2.78
CA LYS J 61 5.72 21.32 -1.57
C LYS J 61 4.70 20.43 -0.85
N VAL J 62 3.77 19.82 -1.59
CA VAL J 62 2.77 18.97 -0.95
C VAL J 62 3.43 17.80 -0.23
N PHE J 63 4.32 17.10 -0.94
CA PHE J 63 5.00 15.95 -0.35
C PHE J 63 5.76 16.33 0.91
N LEU J 64 6.53 17.43 0.83
CA LEU J 64 7.35 17.84 1.96
C LEU J 64 6.49 18.21 3.16
N GLU J 65 5.38 18.92 2.92
CA GLU J 65 4.51 19.29 4.02
C GLU J 65 4.01 18.06 4.76
N ASN J 66 3.55 17.05 4.03
CA ASN J 66 3.02 15.87 4.71
C ASN J 66 4.10 15.19 5.56
N VAL J 67 5.27 14.93 4.97
CA VAL J 67 6.30 14.21 5.72
C VAL J 67 6.73 15.00 6.94
N ILE J 68 6.95 16.31 6.77
CA ILE J 68 7.47 17.13 7.87
C ILE J 68 6.45 17.24 8.98
N ARG J 69 5.15 17.29 8.65
CA ARG J 69 4.15 17.34 9.70
C ARG J 69 4.18 16.08 10.55
N ASP J 70 4.27 14.91 9.91
CA ASP J 70 4.30 13.69 10.72
C ASP J 70 5.56 13.61 11.57
N ALA J 71 6.70 14.03 11.01
CA ALA J 71 7.93 14.05 11.80
C ALA J 71 7.81 14.97 13.00
N VAL J 72 7.17 16.13 12.83
CA VAL J 72 6.99 17.06 13.94
C VAL J 72 6.08 16.47 15.00
N THR J 73 5.04 15.74 14.59
CA THR J 73 4.19 15.08 15.58
C THR J 73 4.98 14.08 16.41
N TYR J 74 5.78 13.23 15.75
CA TYR J 74 6.61 12.29 16.48
C TYR J 74 7.55 13.00 17.44
N THR J 75 8.17 14.09 16.97
CA THR J 75 9.08 14.84 17.83
C THR J 75 8.36 15.39 19.05
N GLU J 76 7.16 15.92 18.85
CA GLU J 76 6.44 16.56 19.95
C GLU J 76 6.00 15.54 21.01
N HIS J 77 5.57 14.35 20.58
CA HIS J 77 5.20 13.33 21.56
C HIS J 77 6.37 12.95 22.45
N ALA J 78 7.57 12.86 21.88
CA ALA J 78 8.75 12.52 22.66
C ALA J 78 9.19 13.65 23.58
N LYS J 79 8.57 14.82 23.49
CA LYS J 79 8.89 15.97 24.35
C LYS J 79 10.30 16.48 24.06
N ARG J 80 10.59 16.70 22.78
CA ARG J 80 11.89 17.14 22.31
C ARG J 80 11.73 18.42 21.51
N LYS J 81 12.83 19.15 21.35
CA LYS J 81 12.87 20.36 20.54
C LYS J 81 13.66 20.18 19.25
N THR J 82 14.17 18.99 18.97
CA THR J 82 15.02 18.75 17.81
C THR J 82 14.49 17.56 17.03
N VAL J 83 14.25 17.76 15.74
CA VAL J 83 13.88 16.65 14.86
C VAL J 83 15.12 15.79 14.61
N THR J 84 14.94 14.48 14.66
CA THR J 84 16.03 13.53 14.46
C THR J 84 15.75 12.67 13.23
N ALA J 85 16.78 11.97 12.77
CA ALA J 85 16.64 11.15 11.57
C ALA J 85 15.61 10.03 11.78
N MET J 86 15.56 9.46 12.98
CA MET J 86 14.61 8.38 13.22
C MET J 86 13.17 8.87 13.15
N ASP J 87 12.92 10.13 13.53
CA ASP J 87 11.60 10.71 13.38
C ASP J 87 11.20 10.76 11.91
N VAL J 88 12.12 11.21 11.05
CA VAL J 88 11.86 11.22 9.61
C VAL J 88 11.59 9.82 9.10
N VAL J 89 12.35 8.84 9.60
CA VAL J 89 12.19 7.46 9.12
C VAL J 89 10.83 6.91 9.53
N TYR J 90 10.43 7.11 10.79
CA TYR J 90 9.11 6.67 11.22
C TYR J 90 8.01 7.34 10.42
N ALA J 91 8.14 8.64 10.18
CA ALA J 91 7.14 9.34 9.39
C ALA J 91 7.03 8.78 7.98
N LEU J 92 8.18 8.53 7.35
CA LEU J 92 8.15 7.97 6.00
C LEU J 92 7.53 6.58 5.99
N LYS J 93 7.89 5.75 6.97
CA LYS J 93 7.33 4.40 7.05
C LYS J 93 5.82 4.44 7.26
N ARG J 94 5.34 5.43 8.01
CA ARG J 94 3.90 5.59 8.19
C ARG J 94 3.20 5.85 6.86
N GLN J 95 3.89 6.43 5.89
CA GLN J 95 3.33 6.74 4.58
C GLN J 95 3.67 5.69 3.52
N GLY J 96 4.19 4.54 3.92
CA GLY J 96 4.55 3.49 2.97
C GLY J 96 5.75 3.80 2.08
N ARG J 97 6.79 4.42 2.64
CA ARG J 97 7.99 4.80 1.92
C ARG J 97 9.24 4.43 2.73
N THR J 98 9.34 3.16 3.13
CA THR J 98 10.50 2.67 3.85
C THR J 98 11.82 3.16 3.23
N LEU J 99 12.76 3.54 4.11
CA LEU J 99 14.04 4.11 3.70
C LEU J 99 15.17 3.42 4.47
N TYR J 100 16.10 2.80 3.73
CA TYR J 100 17.26 2.13 4.30
C TYR J 100 18.49 3.03 4.24
N GLY J 101 19.20 3.17 5.35
CA GLY J 101 20.49 3.82 5.33
C GLY J 101 20.71 4.89 6.39
N PHE J 102 19.78 5.05 7.31
CA PHE J 102 19.90 6.06 8.36
C PHE J 102 19.56 5.53 9.74
N GLY J 103 19.46 4.21 9.91
CA GLY J 103 19.22 3.61 11.21
C GLY J 103 17.86 2.95 11.36
N GLY K 11 -23.85 0.57 47.78
CA GLY K 11 -23.38 -0.71 47.31
C GLY K 11 -23.80 -1.02 45.88
N LYS K 12 -24.62 -0.14 45.31
CA LYS K 12 -25.11 -0.35 43.95
C LYS K 12 -23.96 -0.26 42.96
N ALA K 13 -24.03 -1.08 41.91
CA ALA K 13 -23.00 -1.09 40.88
C ALA K 13 -23.25 0.03 39.88
N LYS K 14 -22.26 0.89 39.69
CA LYS K 14 -22.36 2.04 38.80
C LYS K 14 -21.38 1.83 37.66
N SER K 15 -21.88 1.83 36.43
CA SER K 15 -21.04 1.51 35.28
C SER K 15 -20.09 2.64 34.94
N ARG K 16 -18.97 2.28 34.29
CA ARG K 16 -17.99 3.27 33.89
C ARG K 16 -18.44 4.08 32.68
N SER K 17 -19.18 3.46 31.76
CA SER K 17 -19.72 4.20 30.63
C SER K 17 -20.66 5.30 31.10
N ASN K 18 -21.50 5.01 32.10
CA ASN K 18 -22.38 6.03 32.63
C ASN K 18 -21.59 7.10 33.39
N ARG K 19 -20.55 6.69 34.11
CA ARG K 19 -19.69 7.66 34.77
C ARG K 19 -18.97 8.55 33.77
N ALA K 20 -18.86 8.12 32.50
CA ALA K 20 -18.21 8.91 31.47
C ALA K 20 -19.18 9.64 30.55
N GLY K 21 -20.45 9.24 30.52
CA GLY K 21 -21.40 9.86 29.62
C GLY K 21 -21.45 9.26 28.24
N LEU K 22 -21.03 8.02 28.07
CA LEU K 22 -20.94 7.36 26.78
C LEU K 22 -22.01 6.28 26.66
N GLN K 23 -22.18 5.79 25.43
CA GLN K 23 -22.99 4.60 25.19
C GLN K 23 -22.17 3.36 24.90
N PHE K 24 -20.93 3.52 24.41
CA PHE K 24 -20.08 2.37 24.13
C PHE K 24 -19.55 1.77 25.42
N PRO K 25 -19.16 0.49 25.42
CA PRO K 25 -18.80 -0.20 26.67
C PRO K 25 -17.33 0.00 27.01
N VAL K 26 -17.08 0.66 28.16
CA VAL K 26 -15.71 0.98 28.54
C VAL K 26 -14.99 -0.27 29.05
N GLY K 27 -15.64 -1.06 29.90
CA GLY K 27 -14.97 -2.20 30.51
C GLY K 27 -14.58 -3.28 29.51
N ARG K 28 -15.47 -3.55 28.55
CA ARG K 28 -15.13 -4.54 27.53
C ARG K 28 -13.93 -4.09 26.71
N ILE K 29 -13.88 -2.81 26.36
CA ILE K 29 -12.74 -2.28 25.63
C ILE K 29 -11.48 -2.35 26.47
N HIS K 30 -11.61 -2.14 27.78
CA HIS K 30 -10.45 -2.30 28.67
C HIS K 30 -9.91 -3.72 28.61
N ARG K 31 -10.81 -4.70 28.69
CA ARG K 31 -10.37 -6.09 28.66
C ARG K 31 -9.74 -6.43 27.32
N LEU K 32 -10.34 -5.97 26.22
CA LEU K 32 -9.78 -6.23 24.89
C LEU K 32 -8.39 -5.61 24.76
N LEU K 33 -8.19 -4.41 25.28
CA LEU K 33 -6.87 -3.80 25.25
C LEU K 33 -5.89 -4.60 26.10
N ARG K 34 -6.34 -5.13 27.24
CA ARG K 34 -5.43 -5.86 28.11
C ARG K 34 -5.02 -7.20 27.53
N LYS K 35 -5.90 -7.86 26.77
CA LYS K 35 -5.65 -9.23 26.31
C LYS K 35 -5.12 -9.30 24.89
N GLY K 36 -4.88 -8.17 24.23
CA GLY K 36 -4.54 -8.16 22.82
C GLY K 36 -3.09 -8.10 22.46
N ASN K 37 -2.16 -8.16 23.42
CA ASN K 37 -0.72 -8.13 23.15
C ASN K 37 -0.30 -6.79 22.55
N TYR K 38 -0.63 -5.71 23.26
CA TYR K 38 -0.27 -4.36 22.85
C TYR K 38 0.75 -3.72 23.76
N ALA K 39 0.78 -4.06 25.04
CA ALA K 39 1.79 -3.61 25.97
C ALA K 39 1.59 -4.35 27.28
N GLU K 40 2.54 -4.17 28.19
CA GLU K 40 2.48 -4.86 29.47
C GLU K 40 1.34 -4.32 30.34
N ARG K 41 1.15 -2.99 30.34
CA ARG K 41 0.17 -2.34 31.20
C ARG K 41 -0.73 -1.43 30.37
N VAL K 42 -1.92 -1.15 30.91
CA VAL K 42 -2.88 -0.25 30.31
C VAL K 42 -3.41 0.69 31.39
N GLY K 43 -3.37 2.00 31.10
CA GLY K 43 -3.81 2.99 32.06
C GLY K 43 -5.32 3.10 32.15
N ALA K 44 -5.77 3.88 33.15
CA ALA K 44 -7.18 3.91 33.48
C ALA K 44 -7.99 4.70 32.45
N GLY K 45 -7.46 5.83 32.00
CA GLY K 45 -8.18 6.67 31.06
C GLY K 45 -8.07 6.30 29.60
N ALA K 46 -7.17 5.38 29.25
CA ALA K 46 -7.01 5.02 27.84
C ALA K 46 -8.27 4.46 27.21
N PRO K 47 -8.96 3.48 27.81
CA PRO K 47 -10.17 2.96 27.18
C PRO K 47 -11.29 3.96 27.08
N VAL K 48 -11.39 4.90 28.02
CA VAL K 48 -12.42 5.94 27.94
C VAL K 48 -12.20 6.79 26.70
N TYR K 49 -10.95 7.22 26.48
CA TYR K 49 -10.62 8.02 25.32
C TYR K 49 -10.91 7.25 24.03
N LEU K 50 -10.49 5.99 23.98
CA LEU K 50 -10.71 5.21 22.77
C LEU K 50 -12.19 5.03 22.49
N ALA K 51 -12.99 4.75 23.52
CA ALA K 51 -14.43 4.57 23.33
C ALA K 51 -15.09 5.86 22.86
N ALA K 52 -14.67 7.00 23.41
CA ALA K 52 -15.22 8.28 22.97
C ALA K 52 -14.96 8.52 21.50
N VAL K 53 -13.72 8.28 21.05
CA VAL K 53 -13.40 8.46 19.64
C VAL K 53 -14.23 7.52 18.77
N MET K 54 -14.37 6.26 19.21
CA MET K 54 -15.10 5.28 18.41
C MET K 54 -16.57 5.68 18.26
N GLU K 55 -17.20 6.13 19.35
CA GLU K 55 -18.59 6.56 19.28
C GLU K 55 -18.75 7.79 18.40
N TYR K 56 -17.80 8.73 18.47
CA TYR K 56 -17.90 9.92 17.63
C TYR K 56 -17.89 9.53 16.15
N LEU K 57 -16.96 8.66 15.75
CA LEU K 57 -16.89 8.27 14.34
C LEU K 57 -18.15 7.52 13.91
N ALA K 58 -18.65 6.63 14.76
CA ALA K 58 -19.87 5.90 14.43
C ALA K 58 -21.03 6.87 14.22
N ALA K 59 -21.17 7.87 15.09
CA ALA K 59 -22.27 8.81 14.97
C ALA K 59 -22.15 9.62 13.70
N GLU K 60 -20.94 10.04 13.34
CA GLU K 60 -20.76 10.79 12.09
C GLU K 60 -21.25 9.99 10.90
N VAL K 61 -20.79 8.74 10.77
CA VAL K 61 -21.19 7.95 9.60
C VAL K 61 -22.69 7.71 9.60
N LEU K 62 -23.25 7.41 10.77
CA LEU K 62 -24.68 7.11 10.84
C LEU K 62 -25.52 8.34 10.48
N GLU K 63 -25.11 9.52 10.93
CA GLU K 63 -25.86 10.73 10.60
C GLU K 63 -25.85 11.00 9.10
N LEU K 64 -24.68 10.87 8.47
CA LEU K 64 -24.63 11.08 7.03
C LEU K 64 -25.50 10.07 6.29
N ALA K 65 -25.46 8.80 6.71
CA ALA K 65 -26.24 7.77 6.03
C ALA K 65 -27.73 7.93 6.30
N GLY K 66 -28.11 8.44 7.47
CA GLY K 66 -29.51 8.74 7.72
C GLY K 66 -30.03 9.83 6.81
N ASN K 67 -29.23 10.89 6.61
CA ASN K 67 -29.63 11.91 5.64
C ASN K 67 -29.78 11.31 4.24
N ALA K 68 -28.83 10.45 3.84
CA ALA K 68 -28.93 9.84 2.51
C ALA K 68 -30.16 8.94 2.41
N ALA K 69 -30.51 8.21 3.47
CA ALA K 69 -31.70 7.37 3.42
C ALA K 69 -32.96 8.21 3.33
N ARG K 70 -33.03 9.31 4.07
CA ARG K 70 -34.21 10.17 3.96
C ARG K 70 -34.34 10.72 2.55
N ASP K 71 -33.22 11.11 1.95
CA ASP K 71 -33.27 11.65 0.59
C ASP K 71 -33.96 10.70 -0.36
N ASN K 72 -33.82 9.39 -0.14
CA ASN K 72 -34.36 8.35 -1.01
C ASN K 72 -35.76 7.91 -0.62
N LYS K 73 -36.34 8.49 0.43
CA LYS K 73 -37.66 8.13 0.91
C LYS K 73 -37.69 6.68 1.41
N LYS K 74 -36.80 6.40 2.37
CA LYS K 74 -36.68 5.09 2.97
C LYS K 74 -36.55 5.24 4.47
N THR K 75 -36.97 4.20 5.19
CA THR K 75 -36.90 4.19 6.65
C THR K 75 -35.67 3.46 7.17
N ARG K 76 -35.14 2.50 6.42
CA ARG K 76 -34.06 1.64 6.89
C ARG K 76 -32.78 1.92 6.12
N ILE K 77 -31.66 1.99 6.85
CA ILE K 77 -30.35 2.19 6.26
C ILE K 77 -29.88 0.87 5.63
N ILE K 78 -29.44 0.94 4.38
CA ILE K 78 -28.89 -0.22 3.67
C ILE K 78 -27.46 0.11 3.24
N PRO K 79 -26.70 -0.85 2.68
CA PRO K 79 -25.31 -0.55 2.30
C PRO K 79 -25.15 0.58 1.28
N ARG K 80 -26.13 0.80 0.41
CA ARG K 80 -26.02 1.87 -0.58
C ARG K 80 -25.91 3.24 0.09
N HIS K 81 -26.69 3.48 1.14
CA HIS K 81 -26.64 4.77 1.82
C HIS K 81 -25.29 4.97 2.51
N LEU K 82 -24.74 3.91 3.10
CA LEU K 82 -23.41 4.00 3.67
C LEU K 82 -22.38 4.37 2.61
N GLN K 83 -22.46 3.72 1.44
CA GLN K 83 -21.49 4.01 0.38
C GLN K 83 -21.62 5.44 -0.11
N LEU K 84 -22.85 5.92 -0.34
CA LEU K 84 -23.02 7.30 -0.80
C LEU K 84 -22.52 8.28 0.24
N ALA K 85 -22.85 8.04 1.52
CA ALA K 85 -22.40 8.94 2.57
C ALA K 85 -20.88 8.98 2.68
N ILE K 86 -20.22 7.86 2.39
CA ILE K 86 -18.78 7.81 2.61
C ILE K 86 -17.98 8.28 1.40
N ARG K 87 -18.47 8.09 0.18
CA ARG K 87 -17.75 8.50 -1.02
C ARG K 87 -18.09 9.91 -1.48
N ASN K 88 -19.01 10.61 -0.82
CA ASN K 88 -19.29 12.00 -1.09
C ASN K 88 -18.63 12.95 -0.09
N ASP K 89 -17.80 12.42 0.81
CA ASP K 89 -17.12 13.20 1.82
C ASP K 89 -15.62 12.99 1.69
N GLU K 90 -14.88 14.09 1.55
CA GLU K 90 -13.45 13.99 1.22
C GLU K 90 -12.66 13.35 2.36
N GLU K 91 -12.89 13.80 3.60
CA GLU K 91 -12.10 13.30 4.72
C GLU K 91 -12.39 11.83 5.01
N LEU K 92 -13.67 11.43 4.97
CA LEU K 92 -14.02 10.04 5.18
C LEU K 92 -13.55 9.17 4.03
N ASN K 93 -13.60 9.69 2.80
CA ASN K 93 -13.05 8.96 1.66
C ASN K 93 -11.56 8.72 1.85
N LYS K 94 -10.84 9.73 2.34
CA LYS K 94 -9.42 9.56 2.61
C LYS K 94 -9.18 8.55 3.72
N LEU K 95 -10.06 8.49 4.71
CA LEU K 95 -9.91 7.54 5.81
C LEU K 95 -10.12 6.09 5.34
N LEU K 96 -10.99 5.88 4.37
CA LEU K 96 -11.35 4.52 3.93
C LEU K 96 -11.03 4.31 2.46
N SER K 97 -9.83 4.71 2.03
CA SER K 97 -9.48 4.63 0.61
C SER K 97 -9.25 3.19 0.16
N GLY K 98 -8.72 2.34 1.02
CA GLY K 98 -8.44 0.96 0.65
C GLY K 98 -9.44 -0.03 1.21
N VAL K 99 -10.70 0.38 1.30
CA VAL K 99 -11.75 -0.43 1.90
C VAL K 99 -12.86 -0.62 0.88
N THR K 100 -13.36 -1.84 0.77
CA THR K 100 -14.49 -2.17 -0.09
C THR K 100 -15.71 -2.49 0.78
N ILE K 101 -16.87 -2.02 0.36
CA ILE K 101 -18.12 -2.22 1.09
C ILE K 101 -19.04 -3.08 0.24
N ALA K 102 -19.45 -4.21 0.77
CA ALA K 102 -20.26 -5.15 0.03
C ALA K 102 -21.61 -4.54 -0.32
N GLN K 103 -22.05 -4.75 -1.57
CA GLN K 103 -23.36 -4.30 -2.04
C GLN K 103 -23.49 -2.78 -2.05
N GLY K 104 -22.39 -2.07 -2.29
CA GLY K 104 -22.43 -0.63 -2.33
C GLY K 104 -22.64 -0.04 -3.71
N GLY K 105 -21.80 -0.40 -4.67
CA GLY K 105 -21.84 0.20 -5.99
C GLY K 105 -20.86 1.35 -6.15
N VAL K 106 -21.12 2.18 -7.15
CA VAL K 106 -20.27 3.33 -7.46
C VAL K 106 -21.14 4.58 -7.58
N LEU K 107 -20.47 5.74 -7.60
CA LEU K 107 -21.14 7.00 -7.87
C LEU K 107 -21.42 7.15 -9.36
N PRO K 108 -22.47 7.91 -9.73
CA PRO K 108 -22.69 8.21 -11.14
C PRO K 108 -21.70 9.26 -11.64
N ASN K 109 -21.01 8.94 -12.74
CA ASN K 109 -19.95 9.81 -13.25
C ASN K 109 -19.71 9.47 -14.71
N ILE K 110 -20.07 10.37 -15.63
CA ILE K 110 -19.77 10.21 -17.04
C ILE K 110 -18.87 11.37 -17.47
N GLN K 111 -17.78 11.04 -18.14
CA GLN K 111 -16.79 12.05 -18.53
C GLN K 111 -17.40 13.04 -19.52
N ALA K 112 -16.91 14.28 -19.47
CA ALA K 112 -17.47 15.34 -20.30
C ALA K 112 -17.28 15.05 -21.79
N VAL K 113 -16.10 14.54 -22.16
CA VAL K 113 -15.77 14.37 -23.57
C VAL K 113 -16.66 13.34 -24.23
N LEU K 114 -17.35 12.51 -23.44
CA LEU K 114 -18.14 11.41 -23.96
C LEU K 114 -19.62 11.75 -24.15
N LEU K 115 -20.05 12.94 -23.73
CA LEU K 115 -21.46 13.29 -23.90
C LEU K 115 -21.74 13.70 -25.34
N PRO K 116 -22.98 13.56 -25.80
CA PRO K 116 -23.30 13.91 -27.19
C PRO K 116 -23.30 15.42 -27.40
N LYS K 117 -23.31 15.80 -28.67
CA LYS K 117 -23.28 17.20 -29.06
C LYS K 117 -22.02 17.89 -28.54
N LYS L 30 -21.56 -20.87 23.43
CA LYS L 30 -21.77 -20.26 22.13
C LYS L 30 -21.93 -18.74 22.25
N ARG L 31 -21.63 -18.19 23.42
CA ARG L 31 -21.80 -16.76 23.64
C ARG L 31 -20.89 -15.95 22.72
N LYS L 32 -21.50 -15.18 21.82
CA LYS L 32 -20.79 -14.28 20.92
C LYS L 32 -21.02 -12.83 21.31
N GLU L 33 -20.07 -11.98 20.97
CA GLU L 33 -20.11 -10.56 21.32
C GLU L 33 -19.92 -9.70 20.08
N SER L 34 -20.65 -8.58 20.03
CA SER L 34 -20.51 -7.59 18.97
C SER L 34 -20.98 -6.25 19.53
N TYR L 35 -20.88 -5.20 18.71
CA TYR L 35 -21.22 -3.85 19.13
C TYR L 35 -22.63 -3.44 18.73
N ALA L 36 -23.48 -4.41 18.39
CA ALA L 36 -24.76 -4.09 17.73
C ALA L 36 -25.63 -3.18 18.58
N ILE L 37 -25.82 -3.50 19.86
CA ILE L 37 -26.78 -2.77 20.67
C ILE L 37 -26.31 -1.33 20.91
N TYR L 38 -25.01 -1.12 21.08
CA TYR L 38 -24.49 0.23 21.28
C TYR L 38 -24.64 1.07 20.01
N ILE L 39 -24.36 0.48 18.84
CA ILE L 39 -24.54 1.20 17.60
C ILE L 39 -26.01 1.57 17.43
N TYR L 40 -26.91 0.67 17.80
CA TYR L 40 -28.34 0.99 17.72
C TYR L 40 -28.71 2.13 18.65
N LYS L 41 -28.15 2.15 19.86
CA LYS L 41 -28.42 3.25 20.78
C LYS L 41 -27.94 4.58 20.20
N VAL L 42 -26.75 4.58 19.58
CA VAL L 42 -26.24 5.83 19.01
C VAL L 42 -27.12 6.29 17.85
N LEU L 43 -27.51 5.37 16.99
CA LEU L 43 -28.40 5.74 15.88
C LEU L 43 -29.71 6.31 16.41
N LYS L 44 -30.27 5.73 17.47
CA LYS L 44 -31.51 6.28 18.03
C LYS L 44 -31.28 7.66 18.61
N GLN L 45 -30.10 7.90 19.18
CA GLN L 45 -29.78 9.25 19.65
C GLN L 45 -29.76 10.25 18.50
N VAL L 46 -29.18 9.87 17.36
CA VAL L 46 -29.00 10.81 16.25
C VAL L 46 -30.24 10.87 15.37
N HIS L 47 -30.90 9.74 15.13
CA HIS L 47 -32.04 9.66 14.21
C HIS L 47 -33.19 8.95 14.90
N PRO L 48 -34.07 9.68 15.58
CA PRO L 48 -35.08 9.02 16.43
C PRO L 48 -35.98 8.05 15.69
N ASP L 49 -36.33 8.32 14.43
CA ASP L 49 -37.21 7.46 13.64
C ASP L 49 -36.47 7.01 12.39
N THR L 50 -35.73 5.91 12.52
CA THR L 50 -35.02 5.34 11.38
C THR L 50 -34.55 3.95 11.74
N GLY L 51 -34.53 3.05 10.76
CA GLY L 51 -34.12 1.68 10.94
C GLY L 51 -32.80 1.36 10.26
N ILE L 52 -32.32 0.16 10.52
CA ILE L 52 -31.08 -0.35 9.95
C ILE L 52 -31.30 -1.82 9.60
N SER L 53 -30.58 -2.28 8.58
CA SER L 53 -30.66 -3.65 8.13
C SER L 53 -29.53 -4.48 8.74
N SER L 54 -29.69 -5.80 8.65
CA SER L 54 -28.69 -6.70 9.25
C SER L 54 -27.34 -6.58 8.57
N LYS L 55 -27.31 -6.47 7.24
CA LYS L 55 -26.04 -6.36 6.54
C LYS L 55 -25.37 -5.01 6.81
N ALA L 56 -26.17 -3.95 6.89
CA ALA L 56 -25.62 -2.64 7.25
C ALA L 56 -25.04 -2.66 8.66
N MET L 57 -25.70 -3.34 9.59
CA MET L 57 -25.14 -3.47 10.93
C MET L 57 -23.85 -4.29 10.92
N SER L 58 -23.79 -5.31 10.08
CA SER L 58 -22.54 -6.05 9.92
C SER L 58 -21.42 -5.13 9.46
N ILE L 59 -21.71 -4.27 8.48
CA ILE L 59 -20.70 -3.33 7.99
C ILE L 59 -20.27 -2.36 9.09
N MET L 60 -21.22 -1.85 9.87
CA MET L 60 -20.88 -0.93 10.96
C MET L 60 -20.02 -1.61 12.02
N ASN L 61 -20.36 -2.85 12.36
CA ASN L 61 -19.54 -3.62 13.28
C ASN L 61 -18.10 -3.74 12.78
N SER L 62 -17.95 -4.10 11.50
CA SER L 62 -16.60 -4.24 10.94
C SER L 62 -15.85 -2.92 10.96
N PHE L 63 -16.54 -1.81 10.64
CA PHE L 63 -15.90 -0.50 10.63
C PHE L 63 -15.39 -0.13 12.03
N VAL L 64 -16.22 -0.33 13.05
CA VAL L 64 -15.79 -0.02 14.41
C VAL L 64 -14.60 -0.88 14.81
N ASN L 65 -14.63 -2.17 14.48
CA ASN L 65 -13.51 -3.04 14.80
C ASN L 65 -12.23 -2.59 14.12
N ASP L 66 -12.32 -2.20 12.85
CA ASP L 66 -11.14 -1.78 12.09
C ASP L 66 -10.51 -0.54 12.72
N ILE L 67 -11.34 0.43 13.10
CA ILE L 67 -10.81 1.64 13.73
C ILE L 67 -10.12 1.31 15.05
N PHE L 68 -10.78 0.48 15.88
CA PHE L 68 -10.17 0.08 17.14
C PHE L 68 -8.78 -0.51 16.90
N GLU L 69 -8.68 -1.44 15.95
CA GLU L 69 -7.40 -2.11 15.73
C GLU L 69 -6.32 -1.14 15.26
N ARG L 70 -6.66 -0.25 14.33
CA ARG L 70 -5.67 0.70 13.83
C ARG L 70 -5.12 1.57 14.95
N ILE L 71 -6.01 2.14 15.76
CA ILE L 71 -5.54 3.06 16.80
C ILE L 71 -4.74 2.31 17.85
N ALA L 72 -5.18 1.11 18.23
CA ALA L 72 -4.43 0.35 19.23
C ALA L 72 -3.03 -0.01 18.72
N ALA L 73 -2.91 -0.39 17.44
CA ALA L 73 -1.60 -0.73 16.91
C ALA L 73 -0.66 0.47 16.87
N GLU L 74 -1.17 1.63 16.44
CA GLU L 74 -0.33 2.82 16.43
C GLU L 74 0.10 3.20 17.85
N ALA L 75 -0.80 3.07 18.82
CA ALA L 75 -0.43 3.35 20.20
C ALA L 75 0.66 2.41 20.70
N SER L 76 0.54 1.11 20.34
CA SER L 76 1.58 0.15 20.71
C SER L 76 2.94 0.57 20.17
N ARG L 77 2.98 0.95 18.89
CA ARG L 77 4.24 1.40 18.29
C ARG L 77 4.78 2.64 19.00
N LEU L 78 3.90 3.60 19.32
CA LEU L 78 4.34 4.81 19.99
C LEU L 78 4.97 4.49 21.34
N ALA L 79 4.36 3.59 22.10
CA ALA L 79 4.94 3.21 23.38
C ALA L 79 6.28 2.51 23.20
N HIS L 80 6.42 1.69 22.15
CA HIS L 80 7.68 0.98 21.94
C HIS L 80 8.80 1.91 21.49
N TYR L 81 8.50 2.95 20.70
CA TYR L 81 9.56 3.83 20.21
C TYR L 81 10.22 4.60 21.34
N ASN L 82 9.44 4.97 22.36
CA ASN L 82 9.92 5.77 23.48
C ASN L 82 10.29 4.93 24.70
N LYS L 83 10.24 3.60 24.58
CA LYS L 83 10.69 2.68 25.63
C LYS L 83 9.84 2.82 26.88
N ARG L 84 8.53 2.64 26.70
CA ARG L 84 7.56 2.65 27.79
C ARG L 84 6.72 1.39 27.72
N SER L 85 6.19 0.96 28.86
CA SER L 85 5.41 -0.26 28.94
C SER L 85 3.92 -0.03 29.16
N THR L 86 3.44 1.21 29.06
CA THR L 86 2.06 1.54 29.39
C THR L 86 1.46 2.40 28.29
N ILE L 87 0.28 2.01 27.81
CA ILE L 87 -0.48 2.83 26.88
C ILE L 87 -1.50 3.63 27.67
N THR L 88 -1.50 4.95 27.46
CA THR L 88 -2.32 5.87 28.22
C THR L 88 -3.19 6.70 27.30
N SER L 89 -3.85 7.73 27.84
CA SER L 89 -4.65 8.62 27.00
C SER L 89 -3.77 9.46 26.09
N ARG L 90 -2.56 9.80 26.53
CA ARG L 90 -1.64 10.57 25.70
C ARG L 90 -1.29 9.83 24.42
N GLU L 91 -1.02 8.53 24.53
CA GLU L 91 -0.70 7.73 23.36
C GLU L 91 -1.89 7.64 22.41
N ILE L 92 -3.10 7.51 22.97
CA ILE L 92 -4.29 7.45 22.14
C ILE L 92 -4.46 8.75 21.38
N GLN L 93 -4.24 9.89 22.05
CA GLN L 93 -4.36 11.18 21.39
C GLN L 93 -3.34 11.32 20.26
N THR L 94 -2.08 10.96 20.53
CA THR L 94 -1.06 11.08 19.49
C THR L 94 -1.40 10.19 18.30
N ALA L 95 -1.88 8.97 18.56
CA ALA L 95 -2.26 8.08 17.47
C ALA L 95 -3.41 8.65 16.67
N VAL L 96 -4.40 9.23 17.34
CA VAL L 96 -5.54 9.80 16.63
C VAL L 96 -5.08 10.95 15.75
N ARG L 97 -4.13 11.75 16.23
CA ARG L 97 -3.57 12.82 15.41
C ARG L 97 -2.85 12.27 14.19
N LEU L 98 -2.08 11.20 14.36
CA LEU L 98 -1.36 10.65 13.21
C LEU L 98 -2.30 10.02 12.20
N LEU L 99 -3.39 9.40 12.65
CA LEU L 99 -4.20 8.57 11.77
C LEU L 99 -5.35 9.30 11.09
N LEU L 100 -5.99 10.26 11.75
CA LEU L 100 -7.20 10.84 11.18
C LEU L 100 -6.89 12.11 10.39
N PRO L 101 -7.52 12.33 9.22
CA PRO L 101 -7.20 13.54 8.44
C PRO L 101 -8.07 14.76 8.73
N GLY L 102 -7.43 15.90 9.00
CA GLY L 102 -8.12 17.18 8.93
C GLY L 102 -8.99 17.45 10.13
N GLU L 103 -10.26 17.76 9.88
CA GLU L 103 -11.17 18.18 10.94
C GLU L 103 -11.63 17.01 11.81
N LEU L 104 -11.68 15.80 11.23
CA LEU L 104 -12.01 14.63 12.04
C LEU L 104 -11.09 14.52 13.24
N ALA L 105 -9.80 14.79 13.04
CA ALA L 105 -8.84 14.73 14.14
C ALA L 105 -9.22 15.70 15.25
N LYS L 106 -9.51 16.95 14.89
CA LYS L 106 -9.81 17.97 15.89
C LYS L 106 -11.06 17.60 16.68
N HIS L 107 -12.12 17.20 15.97
CA HIS L 107 -13.37 16.87 16.65
C HIS L 107 -13.21 15.65 17.55
N ALA L 108 -12.53 14.60 17.06
CA ALA L 108 -12.34 13.40 17.87
C ALA L 108 -11.49 13.69 19.10
N VAL L 109 -10.45 14.52 18.94
CA VAL L 109 -9.61 14.91 20.07
C VAL L 109 -10.45 15.62 21.12
N SER L 110 -11.28 16.56 20.69
CA SER L 110 -12.11 17.30 21.64
C SER L 110 -13.05 16.37 22.38
N GLU L 111 -13.71 15.45 21.65
CA GLU L 111 -14.64 14.54 22.30
C GLU L 111 -13.95 13.63 23.32
N GLY L 112 -12.78 13.09 22.96
CA GLY L 112 -12.05 12.26 23.90
C GLY L 112 -11.64 13.01 25.15
N THR L 113 -11.13 14.24 24.99
CA THR L 113 -10.74 15.02 26.15
C THR L 113 -11.93 15.33 27.05
N LYS L 114 -13.07 15.66 26.44
CA LYS L 114 -14.28 15.93 27.21
C LYS L 114 -14.69 14.71 28.02
N ALA L 115 -14.67 13.54 27.37
CA ALA L 115 -15.05 12.32 28.07
C ALA L 115 -14.13 12.05 29.26
N VAL L 116 -12.82 12.18 29.07
CA VAL L 116 -11.90 11.88 30.15
C VAL L 116 -12.10 12.87 31.31
N THR L 117 -12.28 14.15 30.99
CA THR L 117 -12.50 15.13 32.04
C THR L 117 -13.75 14.83 32.83
N LYS L 118 -14.83 14.47 32.15
CA LYS L 118 -16.06 14.12 32.85
C LYS L 118 -15.87 12.89 33.72
N TYR L 119 -15.15 11.88 33.20
CA TYR L 119 -14.94 10.64 33.95
C TYR L 119 -14.17 10.90 35.23
N THR L 120 -13.04 11.62 35.13
CA THR L 120 -12.17 11.76 36.30
C THR L 120 -12.91 12.46 37.44
N SER L 121 -13.66 13.51 37.13
CA SER L 121 -14.45 14.24 38.13
C SER L 121 -15.78 13.51 38.32
N SER L 122 -15.73 12.43 39.08
CA SER L 122 -16.91 11.59 39.31
C SER L 122 -16.62 10.55 40.38
ZN ZN O . 12.97 -48.21 -14.91
ZN ZN P . 14.46 -37.57 -5.50
ZN ZN Q . 30.76 -23.37 -19.75
ZN ZN R . 17.05 -23.89 -22.59
ZN ZN S . -12.39 46.55 21.21
ZN ZN T . -13.10 32.31 21.72
ZN ZN U . -32.25 29.19 5.02
ZN ZN V . -18.73 31.92 0.99
#